data_7XPO
#
_entry.id   7XPO
#
_cell.length_a   60.933
_cell.length_b   84.657
_cell.length_c   73.514
_cell.angle_alpha   90.000
_cell.angle_beta   109.320
_cell.angle_gamma   90.000
#
_symmetry.space_group_name_H-M   'P 1 21 1'
#
loop_
_entity.id
_entity.type
_entity.pdbx_description
1 polymer 'UDP-glucose 4-epimerase'
2 non-polymer NICOTINAMIDE-ADENINE-DINUCLEOTIDE
3 non-polymer "URIDINE-5'-DIPHOSPHATE-GLUCOSE"
4 non-polymer GLYCEROL
5 water water
#
_entity_poly.entity_id   1
_entity_poly.type   'polypeptide(L)'
_entity_poly.pdbx_seq_one_letter_code
;MVSAVLRTILVTGGAGYIGSHTVLQLLQQGFRVVVVDNLDNASEAALARVAELAGHDGANLVFHKVDLRDRHALVDIFSS
HRFEAVIHFAGLKAVGESVHKPLLYYDNNLVGTITLLEVMAANGCKKLVFSSSATVYGWPKEVPCTEEFPLCATNPYGRT
KLVIEDICRDVHRSDPDWKIILLRYFNPVGAHPSGYIGEDPCGVPNNLMPYVQQVAVGRLPHLTVYGTDYSTKDGTGVRD
YIHVVDLADGHIAALRKLYEDSDKIGCEVYNLGTGKGTSVLEMVAAFEKASGKKIPLVFAGRRPGDAEIVYAATAKAEKE
LKWKAKYGIEEMCRDLWNWASKNPYGYAGSRDNSK
;
_entity_poly.pdbx_strand_id   A,B
#
loop_
_chem_comp.id
_chem_comp.type
_chem_comp.name
_chem_comp.formula
GOL non-polymer GLYCEROL 'C3 H8 O3'
NAD non-polymer NICOTINAMIDE-ADENINE-DINUCLEOTIDE 'C21 H27 N7 O14 P2'
UPG non-polymer URIDINE-5'-DIPHOSPHATE-GLUCOSE 'C15 H24 N2 O17 P2'
#
# COMPACT_ATOMS: atom_id res chain seq x y z
N LEU A 6 15.20 -5.50 33.35
CA LEU A 6 15.51 -6.01 32.03
C LEU A 6 14.55 -5.43 30.99
N ARG A 7 15.10 -4.90 29.92
CA ARG A 7 14.29 -4.38 28.82
C ARG A 7 14.71 -5.09 27.55
N THR A 8 13.75 -5.74 26.86
CA THR A 8 14.01 -6.52 25.67
C THR A 8 13.35 -5.86 24.46
N ILE A 9 14.12 -5.70 23.40
CA ILE A 9 13.65 -5.10 22.15
C ILE A 9 13.66 -6.16 21.07
N LEU A 10 12.57 -6.24 20.29
CA LEU A 10 12.56 -7.09 19.11
C LEU A 10 12.99 -6.23 17.93
N VAL A 11 14.01 -6.67 17.19
CA VAL A 11 14.52 -5.92 16.06
C VAL A 11 14.34 -6.77 14.80
N THR A 12 13.40 -6.36 13.94
CA THR A 12 13.28 -7.08 12.67
C THR A 12 14.33 -6.54 11.70
N GLY A 13 14.81 -7.41 10.81
CA GLY A 13 15.83 -6.97 9.88
C GLY A 13 17.16 -6.63 10.54
N GLY A 14 17.38 -7.12 11.77
CA GLY A 14 18.55 -6.72 12.53
C GLY A 14 19.88 -7.25 12.02
N ALA A 15 19.90 -8.15 11.05
CA ALA A 15 21.16 -8.61 10.49
C ALA A 15 21.67 -7.68 9.40
N GLY A 16 20.85 -6.75 8.93
CA GLY A 16 21.19 -5.85 7.84
C GLY A 16 22.07 -4.70 8.30
N TYR A 17 22.27 -3.76 7.39
CA TYR A 17 23.23 -2.66 7.60
C TYR A 17 22.82 -1.76 8.78
N ILE A 18 21.68 -1.09 8.67
CA ILE A 18 21.30 -0.16 9.73
C ILE A 18 20.91 -0.93 10.98
N GLY A 19 20.21 -2.05 10.80
CA GLY A 19 19.77 -2.84 11.91
C GLY A 19 20.93 -3.35 12.75
N SER A 20 21.97 -3.90 12.11
CA SER A 20 23.09 -4.43 12.88
C SER A 20 23.73 -3.33 13.74
N HIS A 21 23.88 -2.14 13.18
CA HIS A 21 24.46 -1.06 13.95
C HIS A 21 23.57 -0.67 15.10
N THR A 22 22.24 -0.70 14.88
CA THR A 22 21.33 -0.39 15.96
C THR A 22 21.35 -1.48 17.03
N VAL A 23 21.38 -2.75 16.64
CA VAL A 23 21.52 -3.83 17.62
C VAL A 23 22.72 -3.59 18.49
N LEU A 24 23.86 -3.23 17.89
CA LEU A 24 25.06 -2.99 18.67
C LEU A 24 24.84 -1.87 19.68
N GLN A 25 24.29 -0.74 19.24
CA GLN A 25 24.08 0.37 20.17
C GLN A 25 23.15 -0.04 21.30
N LEU A 26 22.09 -0.80 20.99
CA LEU A 26 21.19 -1.30 22.02
C LEU A 26 21.90 -2.17 23.04
N LEU A 27 22.73 -3.12 22.57
CA LEU A 27 23.45 -3.99 23.49
C LEU A 27 24.37 -3.18 24.39
N GLN A 28 25.00 -2.15 23.84
CA GLN A 28 25.92 -1.35 24.65
C GLN A 28 25.17 -0.55 25.70
N GLN A 29 23.88 -0.27 25.51
CA GLN A 29 23.07 0.40 26.51
C GLN A 29 22.49 -0.56 27.55
N GLY A 30 22.66 -1.87 27.38
CA GLY A 30 22.17 -2.82 28.35
C GLY A 30 20.85 -3.48 27.96
N PHE A 31 20.32 -3.21 26.77
CA PHE A 31 19.10 -3.89 26.38
C PHE A 31 19.39 -5.34 26.01
N ARG A 32 18.40 -6.18 26.21
CA ARG A 32 18.38 -7.47 25.54
CA ARG A 32 18.35 -7.49 25.56
C ARG A 32 17.76 -7.30 24.17
N VAL A 33 18.33 -7.98 23.18
CA VAL A 33 17.89 -7.80 21.79
C VAL A 33 17.55 -9.15 21.19
N VAL A 34 16.36 -9.27 20.62
CA VAL A 34 15.97 -10.44 19.85
C VAL A 34 15.89 -9.98 18.42
N VAL A 35 16.63 -10.62 17.53
CA VAL A 35 16.63 -10.27 16.12
C VAL A 35 15.82 -11.29 15.35
N VAL A 36 14.92 -10.82 14.50
CA VAL A 36 14.23 -11.65 13.51
C VAL A 36 14.69 -11.18 12.13
N ASP A 37 15.27 -12.08 11.36
CA ASP A 37 15.75 -11.74 10.01
C ASP A 37 15.83 -13.03 9.21
N ASN A 38 15.33 -12.98 7.97
CA ASN A 38 15.35 -14.15 7.10
C ASN A 38 16.66 -14.35 6.36
N LEU A 39 17.58 -13.41 6.51
CA LEU A 39 18.90 -13.47 5.88
C LEU A 39 18.81 -13.43 4.35
N ASP A 40 17.71 -12.87 3.81
CA ASP A 40 17.64 -12.68 2.36
C ASP A 40 18.68 -11.70 1.83
N ASN A 41 18.99 -10.66 2.59
CA ASN A 41 19.98 -9.68 2.13
C ASN A 41 21.07 -9.46 3.15
N ALA A 42 21.34 -10.46 3.98
CA ALA A 42 22.41 -10.34 4.96
C ALA A 42 22.85 -11.75 5.34
N SER A 43 24.01 -11.86 5.96
CA SER A 43 24.36 -13.15 6.57
C SER A 43 24.45 -12.99 8.08
N GLU A 44 24.59 -14.12 8.77
CA GLU A 44 24.78 -14.11 10.20
C GLU A 44 26.06 -13.39 10.61
N ALA A 45 26.98 -13.17 9.67
CA ALA A 45 28.30 -12.65 10.04
C ALA A 45 28.22 -11.28 10.70
N ALA A 46 27.33 -10.40 10.21
CA ALA A 46 27.22 -9.09 10.83
C ALA A 46 26.82 -9.22 12.29
N LEU A 47 25.85 -10.09 12.58
CA LEU A 47 25.41 -10.22 13.95
C LEU A 47 26.47 -10.89 14.81
N ALA A 48 27.22 -11.84 14.26
CA ALA A 48 28.30 -12.44 15.03
C ALA A 48 29.37 -11.39 15.38
N ARG A 49 29.64 -10.46 14.46
CA ARG A 49 30.62 -9.40 14.83
C ARG A 49 29.95 -8.41 15.79
N VAL A 50 28.78 -8.11 15.66
CA VAL A 50 28.14 -7.31 16.69
C VAL A 50 28.31 -7.97 18.06
N ALA A 51 28.05 -9.27 18.16
CA ALA A 51 28.18 -9.96 19.43
C ALA A 51 29.62 -9.92 19.94
N GLU A 52 30.59 -9.98 19.02
CA GLU A 52 31.99 -9.87 19.40
C GLU A 52 32.31 -8.48 19.96
N LEU A 53 31.91 -7.42 19.25
CA LEU A 53 32.11 -6.05 19.74
C LEU A 53 31.41 -5.80 21.07
N ALA A 54 30.24 -6.43 21.29
CA ALA A 54 29.47 -6.26 22.52
C ALA A 54 30.10 -6.96 23.72
N GLY A 55 31.19 -7.71 23.52
CA GLY A 55 31.83 -8.35 24.66
C GLY A 55 30.90 -9.35 25.32
N HIS A 56 30.81 -9.28 26.66
CA HIS A 56 29.94 -10.19 27.38
C HIS A 56 28.48 -9.90 27.07
N ASP A 57 28.16 -8.66 26.65
CA ASP A 57 26.79 -8.34 26.26
C ASP A 57 26.37 -9.02 24.96
N GLY A 58 27.28 -9.65 24.23
CA GLY A 58 26.87 -10.47 23.10
C GLY A 58 25.94 -11.60 23.50
N ALA A 59 26.00 -12.04 24.76
CA ALA A 59 25.06 -13.04 25.25
C ALA A 59 23.63 -12.52 25.31
N ASN A 60 23.44 -11.21 25.23
CA ASN A 60 22.13 -10.57 25.27
C ASN A 60 21.52 -10.40 23.89
N LEU A 61 22.14 -10.94 22.83
CA LEU A 61 21.61 -10.91 21.47
C LEU A 61 21.22 -12.33 21.08
N VAL A 62 19.93 -12.57 20.78
CA VAL A 62 19.48 -13.88 20.33
C VAL A 62 18.89 -13.71 18.94
N PHE A 63 19.32 -14.55 18.01
CA PHE A 63 18.96 -14.42 16.62
C PHE A 63 17.99 -15.54 16.21
N HIS A 64 16.88 -15.14 15.59
CA HIS A 64 15.87 -16.08 15.07
C HIS A 64 15.79 -15.89 13.57
N LYS A 65 16.16 -16.93 12.81
CA LYS A 65 16.11 -16.87 11.35
C LYS A 65 14.68 -17.20 10.95
N VAL A 66 13.87 -16.15 10.79
CA VAL A 66 12.44 -16.24 10.56
C VAL A 66 12.05 -15.11 9.63
N ASP A 67 11.12 -15.41 8.74
CA ASP A 67 10.53 -14.42 7.86
C ASP A 67 9.32 -13.82 8.57
N LEU A 68 9.17 -12.50 8.50
CA LEU A 68 7.99 -11.87 9.11
C LEU A 68 6.66 -12.37 8.54
N ARG A 69 6.65 -12.92 7.33
CA ARG A 69 5.42 -13.47 6.76
C ARG A 69 5.07 -14.83 7.35
N ASP A 70 5.99 -15.48 8.07
CA ASP A 70 5.76 -16.79 8.69
C ASP A 70 5.01 -16.54 9.99
N ARG A 71 3.67 -16.46 9.87
CA ARG A 71 2.84 -16.06 11.00
C ARG A 71 3.03 -16.99 12.19
N HIS A 72 3.06 -18.31 11.95
CA HIS A 72 3.17 -19.23 13.08
C HIS A 72 4.48 -19.02 13.83
N ALA A 73 5.59 -18.87 13.10
CA ALA A 73 6.86 -18.70 13.77
C ALA A 73 6.91 -17.36 14.50
N LEU A 74 6.30 -16.33 13.92
CA LEU A 74 6.28 -15.03 14.59
C LEU A 74 5.42 -15.06 15.85
N VAL A 75 4.27 -15.73 15.80
CA VAL A 75 3.44 -15.88 17.00
C VAL A 75 4.21 -16.60 18.10
N ASP A 76 4.95 -17.66 17.75
CA ASP A 76 5.74 -18.37 18.76
C ASP A 76 6.73 -17.44 19.46
N ILE A 77 7.35 -16.53 18.70
CA ILE A 77 8.29 -15.57 19.30
C ILE A 77 7.56 -14.61 20.23
N PHE A 78 6.47 -14.00 19.75
CA PHE A 78 5.81 -13.00 20.58
C PHE A 78 5.14 -13.62 21.80
N SER A 79 4.65 -14.85 21.68
CA SER A 79 4.00 -15.42 22.85
C SER A 79 4.99 -15.91 23.92
N SER A 80 6.27 -16.03 23.58
CA SER A 80 7.26 -16.53 24.53
C SER A 80 8.18 -15.43 25.07
N HIS A 81 7.96 -14.17 24.69
CA HIS A 81 8.80 -13.06 25.12
C HIS A 81 7.91 -11.94 25.64
N ARG A 82 8.47 -11.11 26.50
CA ARG A 82 7.90 -9.82 26.86
C ARG A 82 8.77 -8.77 26.18
N PHE A 83 8.24 -8.09 25.17
CA PHE A 83 8.99 -7.08 24.46
C PHE A 83 8.53 -5.68 24.87
N GLU A 84 9.48 -4.81 25.14
CA GLU A 84 9.15 -3.41 25.40
C GLU A 84 8.66 -2.72 24.13
N ALA A 85 9.30 -3.02 23.00
CA ALA A 85 8.98 -2.38 21.72
C ALA A 85 9.57 -3.21 20.62
N VAL A 86 9.10 -2.94 19.41
CA VAL A 86 9.62 -3.53 18.18
C VAL A 86 10.24 -2.41 17.35
N ILE A 87 11.45 -2.65 16.84
CA ILE A 87 12.03 -1.80 15.81
C ILE A 87 12.01 -2.59 14.50
N HIS A 88 11.36 -2.03 13.49
CA HIS A 88 11.09 -2.77 12.25
C HIS A 88 11.94 -2.23 11.09
N PHE A 89 13.12 -2.84 10.90
CA PHE A 89 13.98 -2.57 9.75
C PHE A 89 13.75 -3.52 8.59
N ALA A 90 13.09 -4.67 8.82
CA ALA A 90 13.04 -5.69 7.76
C ALA A 90 12.34 -5.16 6.52
N GLY A 91 12.94 -5.40 5.36
CA GLY A 91 12.30 -5.06 4.10
C GLY A 91 13.31 -5.19 2.99
N LEU A 92 12.81 -5.21 1.77
CA LEU A 92 13.60 -5.09 0.55
C LEU A 92 13.67 -3.64 0.17
N LYS A 93 14.83 -3.21 -0.40
CA LYS A 93 15.06 -1.77 -0.57
C LYS A 93 15.72 -1.35 -1.88
N ALA A 94 15.92 -2.26 -2.83
CA ALA A 94 16.59 -1.89 -4.08
C ALA A 94 15.58 -1.31 -5.07
N VAL A 95 15.77 -0.05 -5.44
CA VAL A 95 14.83 0.66 -6.30
C VAL A 95 14.67 -0.04 -7.65
N GLY A 96 15.77 -0.28 -8.36
CA GLY A 96 15.68 -0.92 -9.67
C GLY A 96 15.01 -2.28 -9.59
N GLU A 97 15.34 -3.06 -8.57
CA GLU A 97 14.71 -4.36 -8.43
C GLU A 97 13.22 -4.22 -8.18
N SER A 98 12.82 -3.19 -7.44
CA SER A 98 11.39 -2.99 -7.17
C SER A 98 10.62 -2.64 -8.44
N VAL A 99 11.26 -1.96 -9.40
CA VAL A 99 10.58 -1.65 -10.67
C VAL A 99 10.41 -2.91 -11.49
N HIS A 100 11.41 -3.80 -11.45
CA HIS A 100 11.41 -5.03 -12.24
CA HIS A 100 11.39 -5.02 -12.25
C HIS A 100 10.57 -6.13 -11.60
N LYS A 101 10.50 -6.14 -10.27
CA LYS A 101 9.82 -7.20 -9.51
C LYS A 101 8.91 -6.58 -8.46
N PRO A 102 7.90 -5.85 -8.88
CA PRO A 102 7.08 -5.13 -7.89
C PRO A 102 6.35 -6.05 -6.95
N LEU A 103 5.85 -7.20 -7.44
CA LEU A 103 5.12 -8.08 -6.54
C LEU A 103 6.00 -8.62 -5.42
N LEU A 104 7.29 -8.85 -5.72
CA LEU A 104 8.22 -9.27 -4.68
C LEU A 104 8.28 -8.22 -3.56
N TYR A 105 8.32 -6.94 -3.96
CA TYR A 105 8.39 -5.84 -2.98
C TYR A 105 7.07 -5.66 -2.23
N TYR A 106 5.94 -5.65 -2.96
CA TYR A 106 4.66 -5.49 -2.26
C TYR A 106 4.40 -6.67 -1.33
N ASP A 107 4.72 -7.88 -1.77
CA ASP A 107 4.53 -9.05 -0.92
C ASP A 107 5.45 -8.97 0.30
N ASN A 108 6.77 -8.91 0.08
CA ASN A 108 7.67 -8.92 1.22
C ASN A 108 7.36 -7.78 2.18
N ASN A 109 7.31 -6.55 1.66
CA ASN A 109 7.24 -5.39 2.55
C ASN A 109 5.86 -5.21 3.16
N LEU A 110 4.80 -5.33 2.36
CA LEU A 110 3.45 -5.10 2.91
C LEU A 110 2.96 -6.32 3.66
N VAL A 111 3.08 -7.51 3.09
CA VAL A 111 2.57 -8.68 3.81
C VAL A 111 3.38 -8.91 5.09
N GLY A 112 4.71 -8.74 5.02
CA GLY A 112 5.51 -8.89 6.24
C GLY A 112 5.10 -7.90 7.31
N THR A 113 4.91 -6.62 6.92
CA THR A 113 4.59 -5.61 7.91
C THR A 113 3.19 -5.83 8.47
N ILE A 114 2.20 -6.15 7.61
CA ILE A 114 0.86 -6.39 8.10
C ILE A 114 0.85 -7.57 9.09
N THR A 115 1.54 -8.65 8.75
CA THR A 115 1.59 -9.81 9.64
C THR A 115 2.22 -9.42 10.98
N LEU A 116 3.32 -8.67 10.93
CA LEU A 116 3.96 -8.20 12.15
C LEU A 116 3.00 -7.38 13.01
N LEU A 117 2.29 -6.41 12.40
CA LEU A 117 1.41 -5.55 13.20
C LEU A 117 0.30 -6.37 13.84
N GLU A 118 -0.24 -7.35 13.10
CA GLU A 118 -1.32 -8.18 13.65
C GLU A 118 -0.82 -9.02 14.80
N VAL A 119 0.37 -9.62 14.66
CA VAL A 119 0.90 -10.46 15.73
C VAL A 119 1.24 -9.62 16.95
N MET A 120 1.84 -8.44 16.75
CA MET A 120 2.06 -7.48 17.85
C MET A 120 0.76 -7.18 18.58
N ALA A 121 -0.29 -6.80 17.85
CA ALA A 121 -1.53 -6.39 18.50
C ALA A 121 -2.13 -7.53 19.30
N ALA A 122 -2.04 -8.75 18.78
CA ALA A 122 -2.63 -9.90 19.43
C ALA A 122 -1.84 -10.35 20.65
N ASN A 123 -0.57 -9.94 20.77
CA ASN A 123 0.30 -10.39 21.82
C ASN A 123 0.68 -9.26 22.76
N GLY A 124 -0.08 -8.16 22.71
CA GLY A 124 0.01 -7.10 23.70
C GLY A 124 1.21 -6.20 23.58
N CYS A 125 1.87 -6.13 22.42
CA CYS A 125 3.01 -5.25 22.20
C CYS A 125 2.60 -4.27 21.13
N LYS A 126 2.25 -3.07 21.54
CA LYS A 126 1.75 -2.06 20.63
C LYS A 126 2.67 -0.84 20.64
N LYS A 127 3.98 -1.08 20.66
CA LYS A 127 5.00 -0.03 20.62
C LYS A 127 5.95 -0.34 19.47
N LEU A 128 6.05 0.58 18.51
CA LEU A 128 6.73 0.31 17.26
C LEU A 128 7.57 1.50 16.82
N VAL A 129 8.79 1.21 16.34
CA VAL A 129 9.60 2.19 15.65
C VAL A 129 9.83 1.65 14.23
N PHE A 130 9.48 2.44 13.22
CA PHE A 130 9.54 1.98 11.83
C PHE A 130 10.59 2.70 11.01
N SER A 131 11.31 1.94 10.19
CA SER A 131 12.29 2.46 9.22
C SER A 131 11.56 3.05 8.02
N SER A 132 11.31 4.36 8.03
CA SER A 132 10.83 5.02 6.83
C SER A 132 12.01 5.71 6.12
N SER A 133 11.71 6.60 5.19
CA SER A 133 12.74 7.10 4.29
C SER A 133 12.34 8.46 3.76
N ALA A 134 13.34 9.31 3.56
CA ALA A 134 13.14 10.59 2.89
C ALA A 134 12.66 10.43 1.45
N THR A 135 12.69 9.21 0.90
CA THR A 135 12.08 9.00 -0.41
C THR A 135 10.62 9.43 -0.46
N VAL A 136 9.92 9.44 0.68
CA VAL A 136 8.52 9.85 0.67
C VAL A 136 8.36 11.33 0.34
N TYR A 137 9.41 12.13 0.41
CA TYR A 137 9.30 13.52 -0.02
C TYR A 137 9.36 13.68 -1.54
N GLY A 138 9.71 12.59 -2.23
CA GLY A 138 9.78 12.59 -3.71
C GLY A 138 10.77 13.60 -4.24
N TRP A 139 10.32 14.53 -5.07
CA TRP A 139 11.19 15.63 -5.57
C TRP A 139 10.79 16.88 -4.80
N PRO A 140 11.42 17.20 -3.66
CA PRO A 140 10.97 18.32 -2.82
C PRO A 140 10.97 19.68 -3.53
N LYS A 141 9.87 20.42 -3.39
CA LYS A 141 9.77 21.72 -4.03
C LYS A 141 10.66 22.77 -3.36
N GLU A 142 11.01 22.55 -2.10
CA GLU A 142 11.95 23.37 -1.36
C GLU A 142 12.77 22.45 -0.46
N VAL A 143 13.86 22.99 0.07
CA VAL A 143 14.64 22.33 1.11
C VAL A 143 14.94 23.36 2.21
N PRO A 144 15.16 22.94 3.47
CA PRO A 144 15.12 21.55 3.96
C PRO A 144 13.68 21.01 4.03
N CYS A 145 13.58 19.70 4.00
CA CYS A 145 12.28 19.03 4.02
C CYS A 145 11.83 18.84 5.46
N THR A 146 10.70 19.43 5.82
CA THR A 146 10.14 19.18 7.15
C THR A 146 9.17 18.01 7.06
N GLU A 147 8.79 17.49 8.24
CA GLU A 147 7.91 16.32 8.28
C GLU A 147 6.53 16.59 7.72
N GLU A 148 6.12 17.86 7.64
CA GLU A 148 4.82 18.25 7.09
C GLU A 148 4.82 18.44 5.58
N PHE A 149 5.93 18.18 4.90
CA PHE A 149 5.96 18.32 3.45
C PHE A 149 5.02 17.31 2.78
N PRO A 150 4.58 17.63 1.55
CA PRO A 150 3.75 16.67 0.80
C PRO A 150 4.50 15.37 0.55
N LEU A 151 3.75 14.29 0.59
CA LEU A 151 4.32 12.94 0.51
C LEU A 151 3.91 12.32 -0.82
N CYS A 152 4.85 11.66 -1.46
CA CYS A 152 4.53 10.91 -2.66
C CYS A 152 5.49 9.73 -2.71
N ALA A 153 5.37 8.95 -3.75
CA ALA A 153 6.28 7.85 -3.96
C ALA A 153 6.56 7.84 -5.44
N THR A 154 7.81 7.54 -5.80
CA THR A 154 8.21 7.61 -7.19
C THR A 154 8.65 6.25 -7.74
N ASN A 155 8.54 5.18 -6.97
CA ASN A 155 8.87 3.83 -7.45
C ASN A 155 8.17 2.86 -6.50
N PRO A 156 8.15 1.56 -6.84
CA PRO A 156 7.39 0.62 -6.00
C PRO A 156 7.95 0.46 -4.59
N TYR A 157 9.28 0.47 -4.44
CA TYR A 157 9.87 0.45 -3.11
C TYR A 157 9.36 1.64 -2.28
N GLY A 158 9.45 2.84 -2.84
CA GLY A 158 9.00 4.02 -2.11
C GLY A 158 7.52 3.95 -1.79
N ARG A 159 6.74 3.38 -2.71
CA ARG A 159 5.32 3.20 -2.42
CA ARG A 159 5.33 3.18 -2.42
C ARG A 159 5.12 2.30 -1.21
N THR A 160 5.91 1.22 -1.08
CA THR A 160 5.74 0.39 0.11
C THR A 160 5.99 1.18 1.40
N LYS A 161 7.00 2.06 1.40
CA LYS A 161 7.27 2.83 2.62
C LYS A 161 6.12 3.78 2.94
N LEU A 162 5.59 4.49 1.93
CA LEU A 162 4.52 5.42 2.20
C LEU A 162 3.25 4.68 2.60
N VAL A 163 2.95 3.54 1.96
CA VAL A 163 1.79 2.75 2.33
C VAL A 163 1.92 2.29 3.78
N ILE A 164 3.11 1.84 4.21
CA ILE A 164 3.28 1.38 5.59
C ILE A 164 3.13 2.54 6.58
N GLU A 165 3.66 3.73 6.24
CA GLU A 165 3.41 4.89 7.10
C GLU A 165 1.91 5.10 7.27
N ASP A 166 1.16 5.02 6.16
CA ASP A 166 -0.30 5.24 6.21
C ASP A 166 -1.01 4.15 7.01
N ILE A 167 -0.57 2.89 6.86
CA ILE A 167 -1.13 1.81 7.68
C ILE A 167 -0.93 2.14 9.15
N CYS A 168 0.30 2.53 9.52
CA CYS A 168 0.57 2.86 10.92
C CYS A 168 -0.30 3.99 11.43
N ARG A 169 -0.50 5.05 10.61
CA ARG A 169 -1.38 6.14 11.05
C ARG A 169 -2.81 5.64 11.23
N ASP A 170 -3.29 4.76 10.34
CA ASP A 170 -4.64 4.21 10.47
C ASP A 170 -4.77 3.31 11.67
N VAL A 171 -3.73 2.50 11.94
CA VAL A 171 -3.77 1.63 13.11
C VAL A 171 -3.85 2.47 14.38
N HIS A 172 -3.01 3.51 14.47
CA HIS A 172 -3.09 4.38 15.64
C HIS A 172 -4.48 5.01 15.80
N ARG A 173 -5.06 5.51 14.71
CA ARG A 173 -6.38 6.13 14.80
C ARG A 173 -7.42 5.14 15.30
N SER A 174 -7.27 3.88 14.94
CA SER A 174 -8.23 2.84 15.33
C SER A 174 -8.07 2.42 16.79
N ASP A 175 -6.91 2.64 17.38
CA ASP A 175 -6.62 2.02 18.67
C ASP A 175 -5.55 2.86 19.38
N PRO A 176 -5.97 3.74 20.28
CA PRO A 176 -5.04 4.68 20.91
C PRO A 176 -4.02 4.03 21.83
N ASP A 177 -4.11 2.73 22.08
CA ASP A 177 -3.05 2.09 22.85
C ASP A 177 -1.77 1.92 22.02
N TRP A 178 -1.85 1.97 20.71
CA TRP A 178 -0.64 1.94 19.89
C TRP A 178 0.19 3.22 20.06
N LYS A 179 1.50 3.05 20.15
CA LYS A 179 2.42 4.18 20.16
C LYS A 179 3.47 3.86 19.09
N ILE A 180 3.55 4.71 18.07
CA ILE A 180 4.34 4.42 16.88
C ILE A 180 5.21 5.63 16.59
N ILE A 181 6.48 5.37 16.34
CA ILE A 181 7.39 6.40 15.84
C ILE A 181 7.88 5.98 14.47
N LEU A 182 7.62 6.82 13.46
CA LEU A 182 8.08 6.61 12.11
C LEU A 182 9.34 7.46 11.94
N LEU A 183 10.44 6.85 11.51
CA LEU A 183 11.70 7.58 11.36
C LEU A 183 12.04 7.67 9.88
N ARG A 184 12.10 8.88 9.35
CA ARG A 184 12.43 9.04 7.94
C ARG A 184 13.94 9.22 7.82
N TYR A 185 14.64 8.14 7.49
CA TYR A 185 16.09 8.23 7.36
C TYR A 185 16.41 9.01 6.09
N PHE A 186 17.47 9.80 6.17
CA PHE A 186 18.07 10.40 4.97
C PHE A 186 19.05 9.42 4.32
N ASN A 187 20.28 9.79 4.00
CA ASN A 187 21.15 8.86 3.26
C ASN A 187 22.18 8.25 4.20
N PRO A 188 22.02 7.01 4.65
CA PRO A 188 22.96 6.43 5.62
C PRO A 188 24.30 6.15 4.98
N VAL A 189 25.39 6.51 5.68
CA VAL A 189 26.74 6.20 5.22
C VAL A 189 27.61 5.83 6.41
N GLY A 190 28.72 5.17 6.11
CA GLY A 190 29.70 4.94 7.15
C GLY A 190 29.54 3.58 7.80
N ALA A 191 30.21 3.43 8.94
CA ALA A 191 30.31 2.14 9.61
C ALA A 191 30.71 2.41 11.05
N HIS A 192 30.47 1.43 11.92
CA HIS A 192 30.95 1.54 13.28
C HIS A 192 32.45 1.81 13.25
N PRO A 193 32.97 2.68 14.13
CA PRO A 193 34.40 3.09 14.01
C PRO A 193 35.41 1.96 14.20
N SER A 194 35.01 0.84 14.79
CA SER A 194 35.94 -0.29 14.92
C SER A 194 36.37 -0.84 13.57
N GLY A 195 35.52 -0.68 12.54
CA GLY A 195 35.75 -1.27 11.22
C GLY A 195 35.36 -2.73 11.12
N TYR A 196 34.71 -3.27 12.15
CA TYR A 196 34.34 -4.68 12.14
C TYR A 196 33.05 -4.96 11.37
N ILE A 197 32.17 -3.95 11.25
CA ILE A 197 30.87 -4.11 10.60
C ILE A 197 30.66 -2.92 9.69
N GLY A 198 29.80 -3.13 8.68
CA GLY A 198 29.53 -2.07 7.72
C GLY A 198 28.62 -2.60 6.65
N GLU A 199 28.38 -1.79 5.64
CA GLU A 199 27.45 -2.19 4.58
C GLU A 199 28.16 -3.19 3.66
N ASP A 200 27.52 -4.32 3.41
CA ASP A 200 28.09 -5.40 2.60
C ASP A 200 27.12 -5.73 1.48
N PRO A 201 27.02 -4.89 0.46
CA PRO A 201 26.03 -5.12 -0.60
C PRO A 201 26.42 -6.26 -1.50
N CYS A 202 25.42 -6.91 -2.07
CA CYS A 202 25.63 -7.97 -3.07
CA CYS A 202 25.66 -7.95 -3.07
CA CYS A 202 25.69 -7.95 -3.06
C CYS A 202 25.70 -7.32 -4.44
N GLY A 203 26.55 -7.85 -5.31
CA GLY A 203 26.55 -7.33 -6.65
C GLY A 203 27.19 -5.93 -6.77
N VAL A 204 26.83 -5.26 -7.85
CA VAL A 204 27.34 -3.91 -8.09
C VAL A 204 26.53 -2.96 -7.22
N PRO A 205 27.14 -2.14 -6.37
CA PRO A 205 26.33 -1.32 -5.46
C PRO A 205 25.47 -0.32 -6.21
N ASN A 206 24.25 -0.12 -5.68
CA ASN A 206 23.34 0.86 -6.24
C ASN A 206 23.50 2.26 -5.66
N ASN A 207 24.15 2.41 -4.52
CA ASN A 207 24.29 3.68 -3.84
C ASN A 207 25.72 4.21 -3.96
N LEU A 208 25.83 5.52 -3.74
CA LEU A 208 27.08 6.23 -4.03
C LEU A 208 28.27 5.68 -3.23
N MET A 209 28.16 5.72 -1.90
CA MET A 209 29.37 5.50 -1.10
C MET A 209 29.82 4.04 -1.11
N PRO A 210 28.93 3.03 -1.09
CA PRO A 210 29.45 1.66 -1.30
C PRO A 210 30.13 1.46 -2.63
N TYR A 211 29.68 2.19 -3.66
CA TYR A 211 30.35 2.12 -4.97
C TYR A 211 31.75 2.74 -4.88
N VAL A 212 31.81 3.97 -4.33
CA VAL A 212 33.09 4.65 -4.17
C VAL A 212 34.08 3.78 -3.42
N GLN A 213 33.64 3.12 -2.33
CA GLN A 213 34.64 2.39 -1.57
C GLN A 213 35.17 1.20 -2.36
N GLN A 214 34.33 0.58 -3.20
CA GLN A 214 34.82 -0.51 -4.04
C GLN A 214 35.82 -0.04 -5.07
N VAL A 215 35.66 1.19 -5.57
CA VAL A 215 36.67 1.75 -6.45
C VAL A 215 37.96 1.95 -5.67
N ALA A 216 37.85 2.53 -4.46
CA ALA A 216 39.03 2.82 -3.65
C ALA A 216 39.84 1.58 -3.32
N VAL A 217 39.18 0.43 -3.07
CA VAL A 217 39.92 -0.80 -2.76
C VAL A 217 40.32 -1.57 -4.01
N GLY A 218 40.04 -1.04 -5.20
CA GLY A 218 40.53 -1.63 -6.44
C GLY A 218 39.64 -2.64 -7.10
N ARG A 219 38.40 -2.83 -6.62
CA ARG A 219 37.52 -3.84 -7.19
C ARG A 219 36.72 -3.37 -8.38
N LEU A 220 36.42 -2.07 -8.49
CA LEU A 220 35.75 -1.50 -9.64
C LEU A 220 36.59 -0.33 -10.13
N PRO A 221 36.57 -0.04 -11.45
CA PRO A 221 37.62 0.84 -12.00
C PRO A 221 37.32 2.32 -11.85
N HIS A 222 36.06 2.72 -11.69
CA HIS A 222 35.76 4.15 -11.68
C HIS A 222 34.34 4.30 -11.17
N LEU A 223 34.07 5.47 -10.61
CA LEU A 223 32.71 5.85 -10.26
C LEU A 223 32.07 6.53 -11.46
N THR A 224 30.87 6.10 -11.82
CA THR A 224 30.06 6.86 -12.78
C THR A 224 29.25 7.89 -12.02
N VAL A 225 29.35 9.15 -12.44
CA VAL A 225 28.59 10.25 -11.87
C VAL A 225 27.34 10.42 -12.70
N TYR A 226 26.18 10.26 -12.07
CA TYR A 226 24.87 10.31 -12.76
CA TYR A 226 24.90 10.32 -12.80
C TYR A 226 24.33 11.73 -12.71
N GLY A 227 24.63 12.52 -13.72
CA GLY A 227 24.05 13.85 -13.81
C GLY A 227 24.96 14.93 -13.28
N THR A 228 25.27 15.91 -14.14
CA THR A 228 26.13 17.02 -13.78
C THR A 228 25.51 18.34 -14.17
N ASP A 229 24.21 18.32 -14.47
CA ASP A 229 23.50 19.49 -14.98
C ASP A 229 22.35 19.87 -14.05
N TYR A 230 22.40 19.46 -12.80
CA TYR A 230 21.42 19.89 -11.83
C TYR A 230 21.67 21.34 -11.41
N SER A 231 20.62 21.97 -10.86
CA SER A 231 20.73 23.38 -10.39
C SER A 231 21.34 23.39 -8.99
N THR A 232 22.57 22.86 -8.88
CA THR A 232 23.27 22.81 -7.58
C THR A 232 24.62 23.50 -7.76
N LYS A 233 25.39 23.64 -6.68
CA LYS A 233 26.69 24.38 -6.74
C LYS A 233 27.62 23.79 -7.81
N ASP A 234 27.68 22.46 -7.94
CA ASP A 234 28.64 21.85 -8.91
C ASP A 234 27.88 21.07 -9.98
N GLY A 235 26.55 21.11 -9.95
CA GLY A 235 25.79 20.39 -10.94
C GLY A 235 25.43 18.95 -10.61
N THR A 236 26.00 18.38 -9.56
CA THR A 236 25.66 17.02 -9.17
C THR A 236 24.60 17.03 -8.07
N GLY A 237 23.98 15.88 -7.86
CA GLY A 237 22.94 15.79 -6.85
C GLY A 237 23.46 16.09 -5.45
N VAL A 238 22.56 16.60 -4.60
CA VAL A 238 22.88 16.98 -3.22
C VAL A 238 21.98 16.18 -2.27
N ARG A 239 22.58 15.62 -1.24
CA ARG A 239 21.87 14.78 -0.30
C ARG A 239 22.34 15.09 1.12
N ASP A 240 21.59 14.56 2.08
CA ASP A 240 21.91 14.66 3.50
C ASP A 240 22.47 13.31 3.93
N TYR A 241 23.79 13.22 3.98
CA TYR A 241 24.46 11.97 4.36
C TYR A 241 24.60 11.93 5.87
N ILE A 242 24.13 10.85 6.47
CA ILE A 242 24.12 10.71 7.92
C ILE A 242 24.84 9.43 8.32
N HIS A 243 25.72 9.55 9.31
CA HIS A 243 26.48 8.39 9.78
C HIS A 243 25.52 7.33 10.31
N VAL A 244 25.75 6.09 9.88
CA VAL A 244 24.88 5.00 10.33
C VAL A 244 24.84 4.89 11.86
N VAL A 245 25.94 5.23 12.56
CA VAL A 245 25.89 5.19 14.03
C VAL A 245 24.99 6.28 14.58
N ASP A 246 24.93 7.45 13.93
CA ASP A 246 23.94 8.45 14.32
C ASP A 246 22.53 7.94 14.09
N LEU A 247 22.29 7.25 12.96
CA LEU A 247 20.94 6.67 12.76
C LEU A 247 20.61 5.73 13.90
N ALA A 248 21.56 4.87 14.26
CA ALA A 248 21.33 3.91 15.34
C ALA A 248 20.99 4.62 16.63
N ASP A 249 21.70 5.72 16.93
CA ASP A 249 21.41 6.49 18.15
C ASP A 249 20.02 7.14 18.07
N GLY A 250 19.55 7.50 16.87
CA GLY A 250 18.19 8.02 16.77
C GLY A 250 17.15 7.00 17.18
N HIS A 251 17.46 5.71 17.03
CA HIS A 251 16.52 4.66 17.48
C HIS A 251 16.53 4.57 19.01
N ILE A 252 17.70 4.70 19.62
CA ILE A 252 17.74 4.78 21.08
C ILE A 252 16.90 5.95 21.57
N ALA A 253 16.99 7.10 20.89
CA ALA A 253 16.19 8.26 21.26
C ALA A 253 14.69 7.96 21.09
N ALA A 254 14.32 7.24 20.02
CA ALA A 254 12.91 6.88 19.82
C ALA A 254 12.41 5.95 20.94
N LEU A 255 13.22 4.96 21.33
CA LEU A 255 12.84 4.10 22.44
C LEU A 255 12.72 4.91 23.72
N ARG A 256 13.62 5.87 23.93
CA ARG A 256 13.50 6.72 25.12
C ARG A 256 12.20 7.50 25.10
N LYS A 257 11.82 8.04 23.94
CA LYS A 257 10.57 8.78 23.84
C LYS A 257 9.37 7.88 24.16
N LEU A 258 9.37 6.65 23.64
CA LEU A 258 8.28 5.73 23.94
C LEU A 258 8.26 5.36 25.41
N TYR A 259 9.44 5.25 26.03
CA TYR A 259 9.51 4.81 27.41
C TYR A 259 9.17 5.92 28.39
N GLU A 260 9.53 7.16 28.07
CA GLU A 260 9.37 8.28 28.99
C GLU A 260 8.21 9.21 28.62
N ASP A 261 7.78 9.24 27.36
CA ASP A 261 6.80 10.23 26.90
C ASP A 261 5.62 9.61 26.15
N SER A 262 5.31 8.35 26.42
CA SER A 262 4.25 7.64 25.66
C SER A 262 2.94 8.42 25.61
N ASP A 263 2.51 9.01 26.72
CA ASP A 263 1.18 9.68 26.75
C ASP A 263 1.11 10.83 25.74
N LYS A 264 2.20 11.57 25.54
CA LYS A 264 2.17 12.77 24.67
C LYS A 264 2.24 12.38 23.18
N ILE A 265 2.37 11.09 22.86
CA ILE A 265 2.57 10.72 21.46
C ILE A 265 1.50 9.72 20.99
N GLY A 266 1.33 9.65 19.67
CA GLY A 266 0.41 8.72 19.04
C GLY A 266 1.07 7.94 17.92
N CYS A 267 1.05 8.46 16.69
CA CYS A 267 1.88 7.97 15.58
C CYS A 267 2.64 9.20 15.09
N GLU A 268 3.87 9.36 15.59
CA GLU A 268 4.68 10.55 15.32
C GLU A 268 5.69 10.21 14.23
N VAL A 269 6.13 11.24 13.51
CA VAL A 269 7.16 11.05 12.49
C VAL A 269 8.29 12.06 12.70
N TYR A 270 9.53 11.60 12.56
CA TYR A 270 10.69 12.47 12.69
C TYR A 270 11.65 12.14 11.58
N ASN A 271 12.20 13.20 10.98
CA ASN A 271 13.38 13.05 10.13
C ASN A 271 14.58 12.63 10.97
N LEU A 272 15.42 11.75 10.41
CA LEU A 272 16.77 11.51 10.94
C LEU A 272 17.77 11.90 9.85
N GLY A 273 18.30 13.11 9.95
CA GLY A 273 19.34 13.58 9.06
C GLY A 273 20.25 14.52 9.80
N THR A 274 21.20 15.10 9.07
CA THR A 274 22.11 16.08 9.67
C THR A 274 21.69 17.51 9.39
N GLY A 275 20.83 17.74 8.40
CA GLY A 275 20.46 19.08 7.98
C GLY A 275 21.41 19.75 7.01
N LYS A 276 22.50 19.09 6.62
CA LYS A 276 23.47 19.61 5.67
C LYS A 276 23.38 18.84 4.37
N GLY A 277 23.39 19.57 3.25
CA GLY A 277 23.46 18.94 1.93
C GLY A 277 24.90 18.91 1.43
N THR A 278 25.27 17.77 0.86
CA THR A 278 26.60 17.57 0.29
C THR A 278 26.45 16.99 -1.11
N SER A 279 27.23 17.49 -2.05
CA SER A 279 27.10 17.02 -3.44
C SER A 279 27.88 15.73 -3.67
N VAL A 280 27.66 15.13 -4.85
CA VAL A 280 28.38 13.91 -5.20
C VAL A 280 29.87 14.19 -5.24
N LEU A 281 30.27 15.25 -5.93
CA LEU A 281 31.69 15.56 -6.03
C LEU A 281 32.30 15.88 -4.68
N GLU A 282 31.55 16.54 -3.79
CA GLU A 282 32.08 16.81 -2.46
C GLU A 282 32.29 15.53 -1.68
N MET A 283 31.39 14.55 -1.83
CA MET A 283 31.58 13.28 -1.12
C MET A 283 32.78 12.53 -1.67
N VAL A 284 32.97 12.55 -2.98
CA VAL A 284 34.16 11.93 -3.57
C VAL A 284 35.42 12.59 -3.04
N ALA A 285 35.45 13.93 -2.98
CA ALA A 285 36.65 14.60 -2.46
C ALA A 285 36.87 14.25 -0.99
N ALA A 286 35.81 14.19 -0.20
CA ALA A 286 35.98 13.85 1.20
C ALA A 286 36.49 12.42 1.36
N PHE A 287 36.04 11.51 0.49
CA PHE A 287 36.51 10.14 0.58
C PHE A 287 37.96 10.00 0.12
N GLU A 288 38.35 10.75 -0.90
CA GLU A 288 39.78 10.78 -1.29
C GLU A 288 40.65 11.25 -0.14
N LYS A 289 40.18 12.26 0.60
CA LYS A 289 40.97 12.75 1.73
C LYS A 289 41.04 11.71 2.84
N ALA A 290 39.94 11.03 3.14
CA ALA A 290 39.94 10.04 4.21
C ALA A 290 40.78 8.82 3.87
N SER A 291 40.78 8.40 2.60
CA SER A 291 41.35 7.12 2.20
C SER A 291 42.76 7.27 1.65
N GLY A 292 43.13 8.44 1.16
CA GLY A 292 44.39 8.60 0.43
C GLY A 292 44.37 8.01 -0.96
N LYS A 293 43.21 7.55 -1.44
CA LYS A 293 43.04 6.97 -2.75
C LYS A 293 42.46 8.03 -3.68
N LYS A 294 42.65 7.80 -4.97
CA LYS A 294 42.04 8.62 -6.01
C LYS A 294 40.90 7.85 -6.65
N ILE A 295 39.79 8.54 -6.87
CA ILE A 295 38.60 7.91 -7.45
C ILE A 295 38.44 8.39 -8.88
N PRO A 296 38.78 7.57 -9.87
CA PRO A 296 38.55 7.99 -11.27
C PRO A 296 37.05 8.07 -11.55
N LEU A 297 36.70 9.00 -12.43
CA LEU A 297 35.30 9.29 -12.74
C LEU A 297 34.96 9.07 -14.21
N VAL A 298 33.76 8.59 -14.44
CA VAL A 298 33.09 8.60 -15.74
C VAL A 298 31.85 9.47 -15.60
N PHE A 299 31.57 10.29 -16.60
CA PHE A 299 30.41 11.18 -16.55
C PHE A 299 29.27 10.63 -17.39
N ALA A 300 28.09 10.59 -16.78
CA ALA A 300 26.89 10.09 -17.43
C ALA A 300 25.73 11.04 -17.16
N GLY A 301 24.65 10.80 -17.90
CA GLY A 301 23.42 11.56 -17.70
C GLY A 301 22.71 11.18 -16.42
N ARG A 302 21.64 11.91 -16.13
CA ARG A 302 20.89 11.67 -14.91
C ARG A 302 20.35 10.25 -14.84
N ARG A 303 20.31 9.73 -13.63
CA ARG A 303 19.69 8.44 -13.38
C ARG A 303 18.18 8.63 -13.19
N PRO A 304 17.35 7.89 -13.91
CA PRO A 304 15.90 8.10 -13.83
C PRO A 304 15.41 8.01 -12.39
N GLY A 305 14.57 8.98 -12.01
CA GLY A 305 14.00 9.00 -10.68
C GLY A 305 14.78 9.79 -9.65
N ASP A 306 16.01 10.22 -9.97
CA ASP A 306 16.83 10.88 -8.96
C ASP A 306 16.29 12.26 -8.63
N ALA A 307 16.23 12.57 -7.34
CA ALA A 307 15.98 13.94 -6.94
C ALA A 307 17.22 14.82 -7.15
N GLU A 308 16.98 16.11 -7.23
CA GLU A 308 18.05 17.09 -7.38
C GLU A 308 18.73 17.37 -6.05
N ILE A 309 17.97 17.88 -5.08
CA ILE A 309 18.50 18.25 -3.78
C ILE A 309 17.49 17.83 -2.72
N VAL A 310 17.98 17.12 -1.71
CA VAL A 310 17.14 16.68 -0.60
C VAL A 310 17.99 16.76 0.66
N TYR A 311 17.53 17.48 1.68
CA TYR A 311 18.16 17.38 3.00
C TYR A 311 17.14 17.69 4.09
N ALA A 312 17.46 17.32 5.31
CA ALA A 312 16.47 17.30 6.38
C ALA A 312 16.34 18.64 7.11
N ALA A 313 15.11 18.98 7.47
CA ALA A 313 14.89 19.95 8.56
C ALA A 313 14.96 19.19 9.87
N THR A 314 15.95 19.49 10.70
CA THR A 314 16.24 18.72 11.91
C THR A 314 15.53 19.25 13.15
N ALA A 315 14.78 20.35 13.04
CA ALA A 315 14.30 21.02 14.25
C ALA A 315 13.38 20.12 15.06
N LYS A 316 12.51 19.35 14.39
CA LYS A 316 11.53 18.57 15.14
C LYS A 316 12.21 17.44 15.91
N ALA A 317 13.16 16.73 15.28
CA ALA A 317 13.85 15.68 15.99
C ALA A 317 14.68 16.26 17.13
N GLU A 318 15.34 17.40 16.92
CA GLU A 318 16.12 18.02 17.98
C GLU A 318 15.24 18.37 19.18
N LYS A 319 14.05 18.92 18.93
CA LYS A 319 13.19 19.36 20.03
C LYS A 319 12.47 18.18 20.67
N GLU A 320 11.86 17.31 19.81
CA GLU A 320 10.92 16.34 20.38
C GLU A 320 11.57 15.00 20.72
N LEU A 321 12.59 14.58 19.91
CA LEU A 321 13.35 13.38 20.25
C LEU A 321 14.56 13.68 21.10
N LYS A 322 14.95 14.95 21.22
CA LYS A 322 16.15 15.34 21.95
C LYS A 322 17.37 14.67 21.32
N TRP A 323 17.40 14.64 20.00
CA TRP A 323 18.42 13.93 19.25
C TRP A 323 19.00 14.82 18.16
N LYS A 324 20.34 14.84 18.04
CA LYS A 324 21.00 15.49 16.91
C LYS A 324 22.21 14.66 16.51
N ALA A 325 22.51 14.59 15.24
CA ALA A 325 23.69 13.87 14.75
C ALA A 325 24.99 14.38 15.37
N LYS A 326 25.88 13.45 15.73
CA LYS A 326 27.17 13.76 16.32
C LYS A 326 28.32 13.69 15.34
N TYR A 327 28.14 13.06 14.18
CA TYR A 327 29.22 12.90 13.21
C TYR A 327 29.01 13.76 11.98
N GLY A 328 30.13 14.18 11.40
CA GLY A 328 30.13 14.89 10.14
C GLY A 328 30.71 14.06 9.00
N ILE A 329 30.85 14.72 7.85
CA ILE A 329 31.23 14.03 6.61
C ILE A 329 32.60 13.40 6.72
N GLU A 330 33.54 14.13 7.33
CA GLU A 330 34.89 13.59 7.46
CA GLU A 330 34.89 13.59 7.46
C GLU A 330 34.89 12.29 8.26
N GLU A 331 34.11 12.24 9.34
CA GLU A 331 34.07 11.05 10.17
C GLU A 331 33.35 9.91 9.46
N MET A 332 32.24 10.19 8.75
CA MET A 332 31.58 9.18 7.94
C MET A 332 32.53 8.54 6.94
N CYS A 333 33.31 9.38 6.25
CA CYS A 333 34.23 8.85 5.25
C CYS A 333 35.37 8.07 5.91
N ARG A 334 35.90 8.58 7.04
CA ARG A 334 36.92 7.85 7.79
C ARG A 334 36.42 6.46 8.14
N ASP A 335 35.21 6.39 8.66
CA ASP A 335 34.71 5.13 9.18
C ASP A 335 34.38 4.18 8.04
N LEU A 336 33.82 4.71 6.92
CA LEU A 336 33.64 3.88 5.74
C LEU A 336 34.95 3.31 5.25
N TRP A 337 36.00 4.15 5.18
CA TRP A 337 37.28 3.66 4.68
C TRP A 337 37.89 2.61 5.62
N ASN A 338 37.69 2.77 6.91
CA ASN A 338 38.24 1.81 7.84
C ASN A 338 37.59 0.44 7.65
N TRP A 339 36.24 0.41 7.51
CA TRP A 339 35.53 -0.82 7.21
C TRP A 339 35.96 -1.42 5.89
N ALA A 340 36.05 -0.58 4.84
CA ALA A 340 36.37 -1.07 3.51
C ALA A 340 37.78 -1.62 3.43
N SER A 341 38.72 -0.88 3.98
CA SER A 341 40.10 -1.33 3.82
C SER A 341 40.39 -2.55 4.69
N LYS A 342 39.74 -2.69 5.85
CA LYS A 342 39.92 -3.91 6.64
C LYS A 342 39.09 -5.07 6.13
N ASN A 343 38.04 -4.82 5.34
CA ASN A 343 37.14 -5.88 4.87
C ASN A 343 36.79 -5.62 3.41
N PRO A 344 37.80 -5.63 2.52
CA PRO A 344 37.54 -5.23 1.13
C PRO A 344 36.56 -6.13 0.40
N TYR A 345 36.37 -7.37 0.87
CA TYR A 345 35.41 -8.31 0.32
C TYR A 345 34.28 -8.58 1.32
N GLY A 346 34.02 -7.63 2.21
CA GLY A 346 32.92 -7.77 3.14
C GLY A 346 33.17 -8.89 4.14
N TYR A 347 32.08 -9.44 4.66
CA TYR A 347 32.20 -10.44 5.72
C TYR A 347 32.77 -11.73 5.19
N ALA A 348 32.56 -12.02 3.91
CA ALA A 348 33.01 -13.31 3.38
C ALA A 348 34.53 -13.33 3.24
N GLY A 349 35.15 -12.18 3.02
CA GLY A 349 36.60 -12.12 2.89
C GLY A 349 37.13 -12.52 1.52
N ARG B 7 -14.85 -20.25 -23.43
CA ARG B 7 -13.99 -19.29 -22.76
C ARG B 7 -14.37 -19.23 -21.28
N THR B 8 -13.37 -19.32 -20.40
CA THR B 8 -13.63 -19.46 -18.97
C THR B 8 -13.06 -18.26 -18.22
N ILE B 9 -13.89 -17.67 -17.35
CA ILE B 9 -13.53 -16.51 -16.56
C ILE B 9 -13.54 -16.91 -15.10
N LEU B 10 -12.50 -16.49 -14.36
CA LEU B 10 -12.49 -16.62 -12.91
C LEU B 10 -13.05 -15.31 -12.33
N VAL B 11 -14.06 -15.41 -11.47
CA VAL B 11 -14.66 -14.23 -10.86
C VAL B 11 -14.43 -14.33 -9.36
N THR B 12 -13.53 -13.49 -8.84
CA THR B 12 -13.39 -13.45 -7.38
C THR B 12 -14.50 -12.59 -6.80
N GLY B 13 -14.95 -12.94 -5.60
CA GLY B 13 -16.02 -12.15 -5.02
C GLY B 13 -17.35 -12.28 -5.74
N GLY B 14 -17.52 -13.34 -6.56
CA GLY B 14 -18.67 -13.42 -7.45
C GLY B 14 -19.99 -13.75 -6.77
N ALA B 15 -19.99 -14.12 -5.49
CA ALA B 15 -21.25 -14.30 -4.78
C ALA B 15 -21.82 -12.99 -4.27
N GLY B 16 -21.04 -11.90 -4.31
CA GLY B 16 -21.48 -10.65 -3.74
C GLY B 16 -22.45 -9.90 -4.66
N TYR B 17 -22.76 -8.66 -4.27
CA TYR B 17 -23.74 -7.81 -5.01
C TYR B 17 -23.37 -7.66 -6.49
N ILE B 18 -22.40 -6.81 -6.79
CA ILE B 18 -22.05 -6.54 -8.22
C ILE B 18 -21.58 -7.85 -8.87
N GLY B 19 -20.84 -8.69 -8.12
CA GLY B 19 -20.33 -9.91 -8.72
C GLY B 19 -21.43 -10.83 -9.19
N SER B 20 -22.45 -11.05 -8.35
CA SER B 20 -23.49 -11.98 -8.75
C SER B 20 -24.23 -11.51 -9.99
N HIS B 21 -24.49 -10.20 -10.10
CA HIS B 21 -25.14 -9.68 -11.30
C HIS B 21 -24.24 -9.83 -12.51
N THR B 22 -22.92 -9.70 -12.31
CA THR B 22 -21.97 -9.86 -13.42
C THR B 22 -21.89 -11.33 -13.84
N VAL B 23 -21.89 -12.24 -12.86
CA VAL B 23 -21.88 -13.67 -13.19
C VAL B 23 -23.10 -14.02 -14.04
N LEU B 24 -24.27 -13.51 -13.68
CA LEU B 24 -25.47 -13.79 -14.48
C LEU B 24 -25.27 -13.37 -15.94
N GLN B 25 -24.77 -12.15 -16.17
CA GLN B 25 -24.55 -11.70 -17.53
C GLN B 25 -23.47 -12.52 -18.25
N LEU B 26 -22.38 -12.86 -17.54
CA LEU B 26 -21.37 -13.72 -18.17
C LEU B 26 -21.97 -15.04 -18.64
N LEU B 27 -22.80 -15.66 -17.82
CA LEU B 27 -23.42 -16.93 -18.21
C LEU B 27 -24.33 -16.76 -19.41
N GLN B 28 -25.07 -15.65 -19.47
CA GLN B 28 -25.91 -15.40 -20.64
C GLN B 28 -25.07 -15.19 -21.90
N GLN B 29 -23.88 -14.61 -21.74
CA GLN B 29 -23.00 -14.37 -22.85
C GLN B 29 -22.24 -15.62 -23.28
N GLY B 30 -22.43 -16.75 -22.60
CA GLY B 30 -21.88 -18.01 -23.05
C GLY B 30 -20.56 -18.37 -22.42
N PHE B 31 -20.09 -17.62 -21.43
CA PHE B 31 -18.84 -17.95 -20.75
C PHE B 31 -19.07 -19.08 -19.76
N ARG B 32 -18.01 -19.88 -19.55
CA ARG B 32 -17.93 -20.70 -18.34
C ARG B 32 -17.38 -19.80 -17.24
N VAL B 33 -17.94 -19.90 -16.05
CA VAL B 33 -17.60 -19.00 -14.95
C VAL B 33 -17.23 -19.83 -13.74
N VAL B 34 -16.07 -19.55 -13.16
CA VAL B 34 -15.68 -20.16 -11.89
C VAL B 34 -15.64 -19.01 -10.89
N VAL B 35 -16.42 -19.12 -9.85
CA VAL B 35 -16.45 -18.13 -8.79
C VAL B 35 -15.62 -18.62 -7.63
N VAL B 36 -14.79 -17.74 -7.08
CA VAL B 36 -14.14 -17.97 -5.79
C VAL B 36 -14.61 -16.86 -4.85
N ASP B 37 -15.19 -17.26 -3.72
CA ASP B 37 -15.70 -16.32 -2.74
C ASP B 37 -15.69 -17.02 -1.40
N ASN B 38 -15.23 -16.31 -0.36
CA ASN B 38 -15.18 -16.91 0.97
C ASN B 38 -16.49 -16.79 1.73
N LEU B 39 -17.49 -16.16 1.13
CA LEU B 39 -18.81 -15.97 1.72
C LEU B 39 -18.78 -15.15 2.99
N ASP B 40 -17.70 -14.36 3.18
CA ASP B 40 -17.69 -13.42 4.29
C ASP B 40 -18.88 -12.46 4.29
N ASN B 41 -19.23 -11.94 3.12
CA ASN B 41 -20.22 -10.86 3.02
C ASN B 41 -21.28 -11.25 2.01
N ALA B 42 -21.50 -12.55 1.80
CA ALA B 42 -22.52 -12.98 0.84
C ALA B 42 -23.03 -14.36 1.23
N SER B 43 -24.20 -14.70 0.70
CA SER B 43 -24.83 -15.99 0.91
C SER B 43 -24.62 -16.85 -0.34
N GLU B 44 -24.39 -18.16 -0.14
CA GLU B 44 -24.35 -19.06 -1.30
C GLU B 44 -25.69 -19.07 -2.05
N ALA B 45 -26.78 -18.65 -1.42
CA ALA B 45 -28.05 -18.60 -2.12
C ALA B 45 -28.01 -17.66 -3.32
N ALA B 46 -27.16 -16.62 -3.29
CA ALA B 46 -27.10 -15.70 -4.42
C ALA B 46 -26.72 -16.44 -5.69
N LEU B 47 -25.69 -17.28 -5.63
CA LEU B 47 -25.27 -18.01 -6.82
C LEU B 47 -26.23 -19.11 -7.19
N ALA B 48 -26.91 -19.75 -6.21
CA ALA B 48 -27.95 -20.71 -6.55
C ALA B 48 -29.04 -20.05 -7.36
N ARG B 49 -29.43 -18.83 -6.98
CA ARG B 49 -30.47 -18.11 -7.72
C ARG B 49 -29.96 -17.63 -9.06
N VAL B 50 -28.70 -17.19 -9.13
CA VAL B 50 -28.13 -16.82 -10.42
C VAL B 50 -28.17 -18.03 -11.35
N ALA B 51 -27.84 -19.21 -10.84
CA ALA B 51 -27.86 -20.40 -11.69
C ALA B 51 -29.28 -20.68 -12.19
N GLU B 52 -30.29 -20.46 -11.34
CA GLU B 52 -31.68 -20.63 -11.79
C GLU B 52 -32.03 -19.62 -12.88
N LEU B 53 -31.68 -18.34 -12.67
CA LEU B 53 -31.98 -17.31 -13.64
C LEU B 53 -31.21 -17.51 -14.94
N ALA B 54 -30.07 -18.21 -14.91
CA ALA B 54 -29.28 -18.48 -16.10
C ALA B 54 -29.89 -19.57 -16.98
N GLY B 55 -30.89 -20.30 -16.50
CA GLY B 55 -31.61 -21.24 -17.35
C GLY B 55 -30.68 -22.28 -17.94
N HIS B 56 -30.67 -22.40 -19.17
CA HIS B 56 -29.84 -23.32 -19.94
C HIS B 56 -28.35 -23.20 -19.62
N ASP B 57 -27.89 -22.08 -19.22
CA ASP B 57 -26.48 -21.85 -18.96
C ASP B 57 -26.07 -22.05 -17.51
N GLY B 58 -27.00 -22.44 -16.64
CA GLY B 58 -26.67 -22.57 -15.23
C GLY B 58 -25.59 -23.58 -14.96
N ALA B 59 -25.48 -24.62 -15.79
CA ALA B 59 -24.45 -25.62 -15.57
C ALA B 59 -23.06 -25.09 -15.86
N ASN B 60 -22.96 -23.91 -16.46
CA ASN B 60 -21.66 -23.33 -16.76
C ASN B 60 -21.08 -22.54 -15.59
N LEU B 61 -21.74 -22.54 -14.43
CA LEU B 61 -21.25 -21.89 -13.22
C LEU B 61 -20.71 -22.94 -12.25
N VAL B 62 -19.47 -22.73 -11.80
CA VAL B 62 -18.80 -23.53 -10.79
C VAL B 62 -18.48 -22.58 -9.64
N PHE B 63 -18.73 -23.02 -8.41
CA PHE B 63 -18.45 -22.22 -7.22
C PHE B 63 -17.47 -22.93 -6.29
N HIS B 64 -16.44 -22.20 -5.83
CA HIS B 64 -15.49 -22.68 -4.83
C HIS B 64 -15.44 -21.69 -3.68
N LYS B 65 -15.72 -22.18 -2.47
CA LYS B 65 -15.66 -21.36 -1.28
C LYS B 65 -14.19 -21.32 -0.85
N VAL B 66 -13.49 -20.26 -1.27
CA VAL B 66 -12.04 -20.13 -1.11
C VAL B 66 -11.76 -18.67 -0.82
N ASP B 67 -10.83 -18.43 0.10
CA ASP B 67 -10.29 -17.11 0.38
C ASP B 67 -9.08 -16.90 -0.53
N LEU B 68 -9.00 -15.72 -1.17
CA LEU B 68 -7.86 -15.43 -2.02
C LEU B 68 -6.52 -15.52 -1.32
N ARG B 69 -6.50 -15.36 0.01
CA ARG B 69 -5.22 -15.45 0.73
C ARG B 69 -4.77 -16.89 0.89
N ASP B 70 -5.63 -17.87 0.59
CA ASP B 70 -5.28 -19.29 0.67
C ASP B 70 -4.57 -19.68 -0.62
N ARG B 71 -3.25 -19.49 -0.62
CA ARG B 71 -2.46 -19.65 -1.84
C ARG B 71 -2.60 -21.06 -2.41
N HIS B 72 -2.52 -22.08 -1.53
CA HIS B 72 -2.64 -23.45 -2.02
C HIS B 72 -3.98 -23.68 -2.71
N ALA B 73 -5.06 -23.24 -2.08
CA ALA B 73 -6.38 -23.48 -2.69
C ALA B 73 -6.50 -22.74 -4.01
N LEU B 74 -5.93 -21.54 -4.08
CA LEU B 74 -6.04 -20.73 -5.28
C LEU B 74 -5.23 -21.34 -6.40
N VAL B 75 -4.02 -21.80 -6.08
CA VAL B 75 -3.18 -22.49 -7.07
C VAL B 75 -3.92 -23.68 -7.68
N ASP B 76 -4.60 -24.47 -6.83
CA ASP B 76 -5.32 -25.64 -7.35
C ASP B 76 -6.46 -25.23 -8.27
N ILE B 77 -7.12 -24.10 -8.00
CA ILE B 77 -8.18 -23.63 -8.89
C ILE B 77 -7.60 -23.25 -10.26
N PHE B 78 -6.48 -22.53 -10.25
CA PHE B 78 -5.89 -22.14 -11.53
C PHE B 78 -5.35 -23.35 -12.29
N SER B 79 -4.88 -24.36 -11.56
CA SER B 79 -4.26 -25.54 -12.23
C SER B 79 -5.35 -26.41 -12.87
N SER B 80 -6.60 -26.26 -12.44
CA SER B 80 -7.68 -27.13 -12.94
C SER B 80 -8.45 -26.46 -14.08
N HIS B 81 -8.08 -25.24 -14.46
CA HIS B 81 -8.85 -24.51 -15.51
C HIS B 81 -7.92 -23.63 -16.36
N ARG B 82 -8.30 -23.38 -17.61
CA ARG B 82 -7.52 -22.43 -18.45
C ARG B 82 -8.33 -21.13 -18.47
N PHE B 83 -7.93 -20.12 -17.70
CA PHE B 83 -8.75 -18.89 -17.58
C PHE B 83 -8.35 -17.85 -18.61
N GLU B 84 -9.32 -17.32 -19.35
CA GLU B 84 -9.05 -16.22 -20.26
C GLU B 84 -8.69 -14.95 -19.50
N ALA B 85 -9.35 -14.73 -18.37
CA ALA B 85 -9.18 -13.49 -17.60
C ALA B 85 -9.75 -13.74 -16.22
N VAL B 86 -9.40 -12.84 -15.32
CA VAL B 86 -9.93 -12.79 -13.97
C VAL B 86 -10.62 -11.47 -13.79
N ILE B 87 -11.83 -11.52 -13.22
CA ILE B 87 -12.49 -10.31 -12.74
C ILE B 87 -12.49 -10.36 -11.24
N HIS B 88 -11.91 -9.33 -10.64
CA HIS B 88 -11.56 -9.34 -9.23
C HIS B 88 -12.47 -8.38 -8.46
N PHE B 89 -13.60 -8.92 -7.94
CA PHE B 89 -14.51 -8.18 -7.06
C PHE B 89 -14.25 -8.41 -5.58
N ALA B 90 -13.47 -9.44 -5.21
CA ALA B 90 -13.38 -9.81 -3.81
C ALA B 90 -12.75 -8.68 -3.03
N GLY B 91 -13.31 -8.40 -1.86
CA GLY B 91 -12.75 -7.40 -0.96
C GLY B 91 -13.76 -7.06 0.09
N LEU B 92 -13.32 -6.42 1.16
CA LEU B 92 -14.16 -5.77 2.15
C LEU B 92 -14.31 -4.30 1.78
N LYS B 93 -15.50 -3.73 2.06
CA LYS B 93 -15.84 -2.42 1.52
C LYS B 93 -16.53 -1.48 2.52
N ALA B 94 -16.72 -1.86 3.79
CA ALA B 94 -17.45 -1.01 4.73
C ALA B 94 -16.50 0.06 5.29
N VAL B 95 -16.81 1.34 5.03
CA VAL B 95 -15.87 2.41 5.41
C VAL B 95 -15.70 2.47 6.92
N GLY B 96 -16.81 2.47 7.67
CA GLY B 96 -16.69 2.60 9.11
C GLY B 96 -15.92 1.44 9.71
N GLU B 97 -16.19 0.23 9.22
CA GLU B 97 -15.43 -0.93 9.67
C GLU B 97 -13.96 -0.77 9.35
N SER B 98 -13.63 -0.17 8.20
CA SER B 98 -12.23 0.01 7.85
C SER B 98 -11.51 0.99 8.77
N VAL B 99 -12.20 2.00 9.29
CA VAL B 99 -11.60 2.92 10.26
C VAL B 99 -11.38 2.22 11.59
N HIS B 100 -12.32 1.37 11.99
CA HIS B 100 -12.20 0.69 13.28
CA HIS B 100 -12.21 0.67 13.27
C HIS B 100 -11.26 -0.51 13.21
N LYS B 101 -11.15 -1.16 12.06
CA LYS B 101 -10.40 -2.41 11.90
C LYS B 101 -9.52 -2.31 10.66
N PRO B 102 -8.57 -1.38 10.65
CA PRO B 102 -7.81 -1.18 9.41
C PRO B 102 -6.97 -2.37 9.04
N LEU B 103 -6.40 -3.10 10.03
CA LEU B 103 -5.59 -4.26 9.66
C LEU B 103 -6.42 -5.33 8.98
N LEU B 104 -7.69 -5.48 9.39
CA LEU B 104 -8.57 -6.40 8.67
C LEU B 104 -8.66 -6.04 7.18
N TYR B 105 -8.79 -4.75 6.90
CA TYR B 105 -8.93 -4.28 5.52
C TYR B 105 -7.63 -4.38 4.75
N TYR B 106 -6.51 -3.97 5.37
CA TYR B 106 -5.24 -4.06 4.65
C TYR B 106 -4.89 -5.52 4.40
N ASP B 107 -5.13 -6.39 5.39
CA ASP B 107 -4.82 -7.80 5.20
C ASP B 107 -5.71 -8.40 4.12
N ASN B 108 -7.04 -8.36 4.33
CA ASN B 108 -7.93 -8.96 3.34
C ASN B 108 -7.70 -8.42 1.94
N ASN B 109 -7.74 -7.10 1.77
CA ASN B 109 -7.76 -6.54 0.42
C ASN B 109 -6.36 -6.58 -0.21
N LEU B 110 -5.32 -6.21 0.55
CA LEU B 110 -3.98 -6.18 -0.08
C LEU B 110 -3.36 -7.56 -0.15
N VAL B 111 -3.42 -8.35 0.93
CA VAL B 111 -2.79 -9.66 0.87
C VAL B 111 -3.58 -10.57 -0.09
N GLY B 112 -4.92 -10.47 -0.10
CA GLY B 112 -5.68 -11.25 -1.07
C GLY B 112 -5.35 -10.88 -2.49
N THR B 113 -5.24 -9.57 -2.77
CA THR B 113 -4.95 -9.16 -4.14
C THR B 113 -3.53 -9.57 -4.54
N ILE B 114 -2.55 -9.37 -3.65
CA ILE B 114 -1.17 -9.67 -4.01
C ILE B 114 -1.03 -11.16 -4.29
N THR B 115 -1.68 -11.99 -3.45
CA THR B 115 -1.63 -13.43 -3.67
C THR B 115 -2.26 -13.79 -4.99
N LEU B 116 -3.42 -13.20 -5.31
CA LEU B 116 -4.08 -13.50 -6.58
C LEU B 116 -3.15 -13.14 -7.75
N LEU B 117 -2.56 -11.94 -7.71
CA LEU B 117 -1.69 -11.51 -8.81
C LEU B 117 -0.52 -12.45 -8.99
N GLU B 118 0.08 -12.90 -7.89
CA GLU B 118 1.22 -13.84 -7.97
C GLU B 118 0.79 -15.17 -8.58
N VAL B 119 -0.38 -15.68 -8.16
CA VAL B 119 -0.81 -16.97 -8.68
C VAL B 119 -1.20 -16.85 -10.16
N MET B 120 -1.85 -15.74 -10.53
CA MET B 120 -2.13 -15.45 -11.93
C MET B 120 -0.85 -15.45 -12.75
N ALA B 121 0.18 -14.71 -12.30
CA ALA B 121 1.40 -14.62 -13.09
C ALA B 121 2.05 -15.99 -13.25
N ALA B 122 2.07 -16.79 -12.17
CA ALA B 122 2.72 -18.10 -12.23
C ALA B 122 1.99 -19.07 -13.15
N ASN B 123 0.69 -18.88 -13.33
CA ASN B 123 -0.13 -19.71 -14.19
C ASN B 123 -0.23 -19.17 -15.62
N GLY B 124 0.35 -18.00 -15.90
CA GLY B 124 0.27 -17.44 -17.23
C GLY B 124 -1.04 -16.79 -17.56
N CYS B 125 -1.85 -16.44 -16.57
CA CYS B 125 -3.10 -15.72 -16.82
C CYS B 125 -2.83 -14.28 -16.40
N LYS B 126 -2.53 -13.44 -17.37
CA LYS B 126 -2.14 -12.06 -17.09
C LYS B 126 -3.15 -11.05 -17.63
N LYS B 127 -4.44 -11.37 -17.53
CA LYS B 127 -5.52 -10.48 -17.94
C LYS B 127 -6.47 -10.30 -16.77
N LEU B 128 -6.66 -9.05 -16.37
CA LEU B 128 -7.35 -8.73 -15.13
C LEU B 128 -8.31 -7.59 -15.37
N VAL B 129 -9.49 -7.70 -14.75
CA VAL B 129 -10.43 -6.59 -14.59
C VAL B 129 -10.61 -6.40 -13.09
N PHE B 130 -10.34 -5.19 -12.60
CA PHE B 130 -10.34 -4.91 -11.16
C PHE B 130 -11.45 -3.97 -10.77
N SER B 131 -12.15 -4.30 -9.68
CA SER B 131 -13.16 -3.43 -9.09
C SER B 131 -12.49 -2.30 -8.31
N SER B 132 -12.42 -1.11 -8.89
CA SER B 132 -12.02 0.07 -8.14
C SER B 132 -13.27 0.89 -7.83
N SER B 133 -13.06 2.15 -7.44
CA SER B 133 -14.14 2.95 -6.92
C SER B 133 -13.82 4.42 -7.10
N ALA B 134 -14.87 5.20 -7.35
CA ALA B 134 -14.75 6.66 -7.40
C ALA B 134 -14.26 7.27 -6.08
N THR B 135 -14.19 6.49 -5.00
CA THR B 135 -13.64 7.03 -3.77
C THR B 135 -12.18 7.47 -3.95
N VAL B 136 -11.48 6.96 -4.96
CA VAL B 136 -10.10 7.38 -5.18
C VAL B 136 -9.99 8.81 -5.66
N TYR B 137 -11.08 9.44 -6.11
CA TYR B 137 -11.04 10.87 -6.41
C TYR B 137 -11.11 11.74 -5.15
N GLY B 138 -11.33 11.14 -3.98
CA GLY B 138 -11.31 11.92 -2.75
C GLY B 138 -12.48 12.87 -2.72
N TRP B 139 -12.18 14.15 -2.45
CA TRP B 139 -13.17 15.21 -2.42
C TRP B 139 -12.87 16.09 -3.63
N PRO B 140 -13.47 15.84 -4.79
CA PRO B 140 -12.96 16.46 -6.01
C PRO B 140 -13.22 17.96 -6.05
N LYS B 141 -12.24 18.68 -6.59
CA LYS B 141 -12.37 20.13 -6.69
C LYS B 141 -13.31 20.55 -7.82
N GLU B 142 -13.43 19.72 -8.85
CA GLU B 142 -14.27 20.01 -9.99
C GLU B 142 -15.06 18.75 -10.34
N VAL B 143 -16.13 18.94 -11.10
CA VAL B 143 -16.90 17.82 -11.67
C VAL B 143 -17.25 18.16 -13.10
N PRO B 144 -17.43 17.14 -13.96
CA PRO B 144 -17.36 15.70 -13.69
C PRO B 144 -15.92 15.23 -13.51
N CYS B 145 -15.74 14.09 -12.85
CA CYS B 145 -14.41 13.58 -12.56
C CYS B 145 -13.91 12.73 -13.73
N THR B 146 -12.83 13.17 -14.36
CA THR B 146 -12.21 12.35 -15.39
C THR B 146 -11.19 11.42 -14.77
N GLU B 147 -10.77 10.42 -15.56
CA GLU B 147 -9.86 9.42 -15.04
C GLU B 147 -8.50 10.02 -14.72
N GLU B 148 -8.20 11.20 -15.25
CA GLU B 148 -6.95 11.91 -15.04
CA GLU B 148 -6.93 11.87 -15.02
C GLU B 148 -6.94 12.79 -13.80
N PHE B 149 -8.04 12.83 -13.05
CA PHE B 149 -8.11 13.66 -11.84
C PHE B 149 -7.07 13.20 -10.82
N PRO B 150 -6.71 14.10 -9.90
CA PRO B 150 -5.82 13.71 -8.81
C PRO B 150 -6.47 12.65 -7.95
N LEU B 151 -5.65 11.72 -7.46
CA LEU B 151 -6.13 10.58 -6.71
C LEU B 151 -5.72 10.72 -5.26
N CYS B 152 -6.64 10.46 -4.35
CA CYS B 152 -6.29 10.46 -2.94
C CYS B 152 -7.42 9.84 -2.14
N ALA B 153 -7.07 8.91 -1.28
CA ALA B 153 -8.07 8.22 -0.49
C ALA B 153 -8.30 8.94 0.83
N THR B 154 -9.49 8.73 1.40
CA THR B 154 -9.90 9.48 2.58
C THR B 154 -10.25 8.56 3.73
N ASN B 155 -10.02 7.26 3.59
CA ASN B 155 -10.24 6.30 4.66
C ASN B 155 -9.47 5.03 4.31
N PRO B 156 -9.33 4.08 5.25
CA PRO B 156 -8.49 2.90 4.97
C PRO B 156 -9.02 2.05 3.84
N TYR B 157 -10.34 1.90 3.73
CA TYR B 157 -10.90 1.18 2.60
C TYR B 157 -10.46 1.81 1.29
N GLY B 158 -10.65 3.12 1.15
CA GLY B 158 -10.23 3.79 -0.08
C GLY B 158 -8.75 3.66 -0.33
N ARG B 159 -7.94 3.67 0.74
CA ARG B 159 -6.49 3.51 0.55
C ARG B 159 -6.20 2.13 -0.04
N THR B 160 -6.92 1.10 0.40
CA THR B 160 -6.67 -0.20 -0.21
C THR B 160 -6.95 -0.19 -1.72
N LYS B 161 -8.03 0.49 -2.15
CA LYS B 161 -8.35 0.53 -3.58
C LYS B 161 -7.28 1.29 -4.35
N LEU B 162 -6.80 2.41 -3.81
CA LEU B 162 -5.80 3.19 -4.54
C LEU B 162 -4.47 2.43 -4.57
N VAL B 163 -4.11 1.81 -3.45
CA VAL B 163 -2.90 1.00 -3.41
C VAL B 163 -2.96 -0.11 -4.45
N ILE B 164 -4.12 -0.80 -4.55
CA ILE B 164 -4.22 -1.87 -5.53
C ILE B 164 -4.08 -1.33 -6.95
N GLU B 165 -4.74 -0.19 -7.24
CA GLU B 165 -4.57 0.39 -8.59
C GLU B 165 -3.09 0.62 -8.88
N ASP B 166 -2.35 1.17 -7.90
CA ASP B 166 -0.93 1.45 -8.09
C ASP B 166 -0.14 0.16 -8.26
N ILE B 167 -0.47 -0.88 -7.48
CA ILE B 167 0.18 -2.18 -7.70
C ILE B 167 -0.02 -2.66 -9.12
N CYS B 168 -1.26 -2.57 -9.61
CA CYS B 168 -1.53 -3.01 -10.99
C CYS B 168 -0.72 -2.19 -12.00
N ARG B 169 -0.65 -0.86 -11.83
CA ARG B 169 0.14 -0.08 -12.77
C ARG B 169 1.62 -0.48 -12.71
N ASP B 170 2.14 -0.78 -11.50
CA ASP B 170 3.55 -1.20 -11.38
C ASP B 170 3.75 -2.59 -12.00
N VAL B 171 2.78 -3.48 -11.82
CA VAL B 171 2.93 -4.81 -12.41
C VAL B 171 2.98 -4.69 -13.92
N HIS B 172 2.07 -3.89 -14.49
CA HIS B 172 2.10 -3.69 -15.93
C HIS B 172 3.43 -3.08 -16.41
N ARG B 173 3.96 -2.09 -15.69
CA ARG B 173 5.22 -1.49 -16.13
C ARG B 173 6.32 -2.52 -16.09
N SER B 174 6.27 -3.44 -15.13
CA SER B 174 7.31 -4.46 -15.00
C SER B 174 7.23 -5.55 -16.05
N ASP B 175 6.05 -5.74 -16.65
CA ASP B 175 5.81 -6.91 -17.49
C ASP B 175 4.69 -6.59 -18.47
N PRO B 176 5.05 -6.23 -19.71
CA PRO B 176 4.03 -5.78 -20.68
C PRO B 176 3.12 -6.89 -21.19
N ASP B 177 3.33 -8.14 -20.80
CA ASP B 177 2.34 -9.17 -21.11
C ASP B 177 1.06 -9.00 -20.30
N TRP B 178 1.11 -8.27 -19.18
CA TRP B 178 -0.13 -7.99 -18.44
C TRP B 178 -1.03 -7.04 -19.22
N LYS B 179 -2.32 -7.33 -19.18
CA LYS B 179 -3.34 -6.44 -19.71
C LYS B 179 -4.36 -6.28 -18.60
N ILE B 180 -4.54 -5.05 -18.13
CA ILE B 180 -5.32 -4.81 -16.92
C ILE B 180 -6.30 -3.69 -17.21
N ILE B 181 -7.55 -3.89 -16.83
CA ILE B 181 -8.54 -2.83 -16.86
C ILE B 181 -9.01 -2.56 -15.44
N LEU B 182 -8.82 -1.33 -14.97
CA LEU B 182 -9.32 -0.88 -13.67
C LEU B 182 -10.63 -0.17 -13.91
N LEU B 183 -11.67 -0.56 -13.19
CA LEU B 183 -13.00 0.04 -13.34
C LEU B 183 -13.37 0.82 -12.09
N ARG B 184 -13.50 2.16 -12.21
CA ARG B 184 -13.87 2.97 -11.05
C ARG B 184 -15.39 3.09 -11.00
N TYR B 185 -16.02 2.25 -10.17
CA TYR B 185 -17.49 2.27 -10.07
C TYR B 185 -17.94 3.53 -9.34
N PHE B 186 -19.09 4.07 -9.72
CA PHE B 186 -19.64 5.22 -8.96
C PHE B 186 -20.55 4.66 -7.85
N ASN B 187 -21.80 5.11 -7.73
CA ASN B 187 -22.62 4.63 -6.59
C ASN B 187 -23.61 3.56 -7.05
N PRO B 188 -23.39 2.26 -6.77
CA PRO B 188 -24.28 1.19 -7.22
C PRO B 188 -25.66 1.23 -6.56
N VAL B 189 -26.74 1.12 -7.36
CA VAL B 189 -28.11 1.06 -6.83
C VAL B 189 -28.88 -0.02 -7.59
N GLY B 190 -29.82 -0.67 -6.91
CA GLY B 190 -30.80 -1.45 -7.65
C GLY B 190 -30.55 -2.94 -7.57
N ALA B 191 -31.21 -3.68 -8.47
CA ALA B 191 -31.18 -5.13 -8.46
C ALA B 191 -31.65 -5.55 -9.85
N HIS B 192 -31.30 -6.78 -10.22
CA HIS B 192 -31.88 -7.37 -11.43
C HIS B 192 -33.41 -7.17 -11.45
N PRO B 193 -34.02 -6.82 -12.60
CA PRO B 193 -35.45 -6.46 -12.56
C PRO B 193 -36.37 -7.62 -12.23
N SER B 194 -35.92 -8.87 -12.21
CA SER B 194 -36.76 -9.95 -11.71
C SER B 194 -37.10 -9.75 -10.25
N GLY B 195 -36.23 -9.06 -9.51
CA GLY B 195 -36.37 -8.99 -8.07
C GLY B 195 -36.02 -10.27 -7.34
N TYR B 196 -35.38 -11.24 -8.01
CA TYR B 196 -35.01 -12.50 -7.38
C TYR B 196 -33.61 -12.49 -6.76
N ILE B 197 -32.76 -11.57 -7.21
CA ILE B 197 -31.44 -11.35 -6.62
C ILE B 197 -31.29 -9.85 -6.41
N GLY B 198 -30.39 -9.51 -5.51
CA GLY B 198 -30.20 -8.12 -5.15
C GLY B 198 -29.16 -8.07 -4.09
N GLU B 199 -29.11 -6.97 -3.36
CA GLU B 199 -28.07 -6.79 -2.37
C GLU B 199 -28.50 -7.44 -1.07
N ASP B 200 -27.66 -8.36 -0.57
CA ASP B 200 -27.92 -9.06 0.70
C ASP B 200 -26.60 -9.33 1.38
N ASN B 206 -25.53 0.71 5.13
CA ASN B 206 -24.32 1.50 5.00
C ASN B 206 -24.39 2.50 3.85
N ASN B 207 -25.46 2.51 3.06
CA ASN B 207 -25.57 3.42 1.91
C ASN B 207 -26.97 4.02 1.86
N LEU B 208 -27.09 5.12 1.12
CA LEU B 208 -28.34 5.90 1.09
C LEU B 208 -29.56 5.08 0.71
N MET B 209 -29.53 4.41 -0.46
CA MET B 209 -30.76 3.81 -0.95
C MET B 209 -31.22 2.63 -0.12
N PRO B 210 -30.32 1.76 0.38
CA PRO B 210 -30.76 0.76 1.37
C PRO B 210 -31.37 1.37 2.62
N TYR B 211 -30.86 2.52 3.08
CA TYR B 211 -31.50 3.20 4.21
C TYR B 211 -32.90 3.68 3.83
N VAL B 212 -33.01 4.35 2.67
CA VAL B 212 -34.32 4.83 2.21
C VAL B 212 -35.33 3.69 2.16
N GLN B 213 -34.91 2.54 1.62
CA GLN B 213 -35.86 1.44 1.51
C GLN B 213 -36.31 0.95 2.89
N GLN B 214 -35.39 0.94 3.86
CA GLN B 214 -35.78 0.55 5.22
C GLN B 214 -36.75 1.53 5.83
N VAL B 215 -36.61 2.81 5.53
CA VAL B 215 -37.57 3.79 6.01
C VAL B 215 -38.93 3.52 5.38
N ALA B 216 -38.92 3.22 4.07
CA ALA B 216 -40.16 3.00 3.34
C ALA B 216 -40.98 1.88 3.95
N VAL B 217 -40.34 0.85 4.51
CA VAL B 217 -41.06 -0.28 5.07
C VAL B 217 -41.22 -0.16 6.59
N GLY B 218 -40.80 0.94 7.18
CA GLY B 218 -41.00 1.15 8.60
C GLY B 218 -39.98 0.51 9.50
N ARG B 219 -38.89 -0.05 8.95
CA ARG B 219 -37.83 -0.60 9.78
C ARG B 219 -36.96 0.49 10.39
N LEU B 220 -36.96 1.69 9.81
CA LEU B 220 -36.33 2.88 10.35
C LEU B 220 -37.36 4.00 10.31
N PRO B 221 -37.36 4.88 11.32
CA PRO B 221 -38.43 5.88 11.40
C PRO B 221 -38.26 7.06 10.45
N HIS B 222 -37.04 7.34 10.00
CA HIS B 222 -36.80 8.49 9.13
C HIS B 222 -35.43 8.33 8.50
N LEU B 223 -35.24 9.03 7.38
CA LEU B 223 -33.94 9.21 6.76
C LEU B 223 -33.31 10.47 7.32
N THR B 224 -32.11 10.37 7.85
CA THR B 224 -31.37 11.56 8.22
C THR B 224 -30.64 12.05 6.99
N VAL B 225 -30.86 13.31 6.63
CA VAL B 225 -30.26 13.94 5.46
C VAL B 225 -29.00 14.67 5.94
N TYR B 226 -27.83 14.22 5.49
CA TYR B 226 -26.55 14.71 6.01
C TYR B 226 -26.10 15.89 5.19
N GLY B 227 -26.56 17.08 5.60
CA GLY B 227 -26.11 18.29 4.96
C GLY B 227 -27.14 18.91 4.05
N THR B 228 -27.47 20.17 4.33
CA THR B 228 -28.46 20.92 3.56
C THR B 228 -27.92 22.25 3.04
N ASP B 229 -26.64 22.52 3.23
CA ASP B 229 -26.01 23.79 2.87
C ASP B 229 -24.90 23.59 1.84
N TYR B 230 -24.97 22.51 1.07
CA TYR B 230 -23.99 22.32 -0.01
C TYR B 230 -24.32 23.25 -1.17
N SER B 231 -23.30 23.50 -2.01
CA SER B 231 -23.47 24.36 -3.18
C SER B 231 -24.08 23.61 -4.35
N THR B 232 -25.18 22.93 -4.10
CA THR B 232 -25.92 22.16 -5.07
C THR B 232 -27.31 22.75 -5.20
N LYS B 233 -28.02 22.28 -6.24
CA LYS B 233 -29.32 22.85 -6.58
C LYS B 233 -30.26 22.88 -5.37
N ASP B 234 -30.36 21.78 -4.62
CA ASP B 234 -31.24 21.74 -3.45
C ASP B 234 -30.49 21.75 -2.11
N GLY B 235 -29.17 21.90 -2.13
CA GLY B 235 -28.40 21.99 -0.89
C GLY B 235 -27.94 20.65 -0.33
N THR B 236 -28.39 19.53 -0.90
CA THR B 236 -27.98 18.20 -0.43
C THR B 236 -26.90 17.62 -1.32
N GLY B 237 -26.27 16.56 -0.81
CA GLY B 237 -25.15 15.97 -1.52
C GLY B 237 -25.57 15.37 -2.86
N VAL B 238 -24.64 15.36 -3.82
CA VAL B 238 -24.90 14.91 -5.19
C VAL B 238 -23.92 13.80 -5.55
N ARG B 239 -24.44 12.73 -6.15
CA ARG B 239 -23.70 11.54 -6.54
C ARG B 239 -24.15 11.05 -7.91
N ASP B 240 -23.38 10.16 -8.48
CA ASP B 240 -23.67 9.47 -9.73
C ASP B 240 -24.15 8.06 -9.37
N TYR B 241 -25.46 7.88 -9.34
CA TYR B 241 -26.04 6.58 -9.01
C TYR B 241 -26.17 5.77 -10.29
N ILE B 242 -25.65 4.55 -10.26
CA ILE B 242 -25.59 3.71 -11.45
C ILE B 242 -26.21 2.35 -11.14
N HIS B 243 -27.10 1.89 -12.02
CA HIS B 243 -27.79 0.64 -11.82
C HIS B 243 -26.77 -0.50 -11.81
N VAL B 244 -26.94 -1.40 -10.84
CA VAL B 244 -26.04 -2.57 -10.78
C VAL B 244 -26.01 -3.36 -12.07
N VAL B 245 -27.12 -3.41 -12.83
CA VAL B 245 -27.09 -4.15 -14.09
C VAL B 245 -26.21 -3.44 -15.13
N ASP B 246 -26.17 -2.10 -15.10
CA ASP B 246 -25.23 -1.37 -15.95
C ASP B 246 -23.78 -1.64 -15.53
N LEU B 247 -23.51 -1.65 -14.22
CA LEU B 247 -22.16 -1.97 -13.76
C LEU B 247 -21.74 -3.34 -14.27
N ALA B 248 -22.63 -4.33 -14.12
CA ALA B 248 -22.31 -5.67 -14.63
C ALA B 248 -21.96 -5.63 -16.12
N ASP B 249 -22.79 -4.92 -16.90
CA ASP B 249 -22.57 -4.83 -18.34
C ASP B 249 -21.22 -4.21 -18.66
N GLY B 250 -20.75 -3.28 -17.81
CA GLY B 250 -19.43 -2.69 -18.06
C GLY B 250 -18.32 -3.71 -17.98
N HIS B 251 -18.52 -4.79 -17.20
CA HIS B 251 -17.53 -5.85 -17.16
C HIS B 251 -17.53 -6.71 -18.43
N ILE B 252 -18.71 -6.90 -19.04
CA ILE B 252 -18.75 -7.57 -20.34
C ILE B 252 -17.99 -6.74 -21.36
N ALA B 253 -18.16 -5.41 -21.31
CA ALA B 253 -17.42 -4.54 -22.21
C ALA B 253 -15.91 -4.65 -21.95
N ALA B 254 -15.50 -4.73 -20.67
CA ALA B 254 -14.09 -4.84 -20.35
C ALA B 254 -13.50 -6.14 -20.87
N LEU B 255 -14.21 -7.27 -20.71
CA LEU B 255 -13.72 -8.52 -21.31
C LEU B 255 -13.63 -8.42 -22.82
N ARG B 256 -14.60 -7.76 -23.45
CA ARG B 256 -14.54 -7.59 -24.90
C ARG B 256 -13.33 -6.75 -25.31
N LYS B 257 -13.04 -5.70 -24.55
CA LYS B 257 -11.87 -4.87 -24.84
C LYS B 257 -10.58 -5.69 -24.73
N LEU B 258 -10.47 -6.52 -23.68
CA LEU B 258 -9.29 -7.37 -23.53
C LEU B 258 -9.20 -8.39 -24.66
N TYR B 259 -10.36 -8.89 -25.09
CA TYR B 259 -10.41 -9.94 -26.11
C TYR B 259 -10.06 -9.39 -27.49
N GLU B 260 -10.51 -8.18 -27.79
CA GLU B 260 -10.41 -7.63 -29.14
C GLU B 260 -9.31 -6.60 -29.30
N ASP B 261 -8.92 -5.90 -28.22
CA ASP B 261 -8.05 -4.74 -28.30
C ASP B 261 -6.80 -4.85 -27.41
N SER B 262 -6.39 -6.07 -27.04
CA SER B 262 -5.28 -6.19 -26.09
C SER B 262 -3.99 -5.55 -26.62
N ASP B 263 -3.76 -5.59 -27.94
CA ASP B 263 -2.54 -5.04 -28.51
C ASP B 263 -2.40 -3.55 -28.28
N LYS B 264 -3.50 -2.83 -28.06
CA LYS B 264 -3.41 -1.38 -27.92
C LYS B 264 -3.74 -0.88 -26.51
N ILE B 265 -3.72 -1.75 -25.50
CA ILE B 265 -3.91 -1.34 -24.12
C ILE B 265 -2.81 -1.93 -23.23
N GLY B 266 -2.71 -1.40 -22.02
CA GLY B 266 -1.70 -1.83 -21.05
C GLY B 266 -2.36 -2.00 -19.70
N CYS B 267 -2.31 -0.97 -18.85
CA CYS B 267 -3.12 -0.87 -17.62
C CYS B 267 -4.02 0.36 -17.78
N GLU B 268 -5.26 0.12 -18.20
CA GLU B 268 -6.21 1.19 -18.47
C GLU B 268 -7.16 1.36 -17.30
N VAL B 269 -7.69 2.57 -17.15
CA VAL B 269 -8.69 2.85 -16.14
C VAL B 269 -9.90 3.53 -16.80
N TYR B 270 -11.09 3.10 -16.40
CA TYR B 270 -12.31 3.71 -16.91
C TYR B 270 -13.27 3.91 -15.75
N ASN B 271 -13.89 5.07 -15.74
CA ASN B 271 -15.05 5.28 -14.88
C ASN B 271 -16.22 4.43 -15.36
N LEU B 272 -16.99 3.88 -14.42
CA LEU B 272 -18.32 3.32 -14.74
C LEU B 272 -19.34 4.14 -13.95
N GLY B 273 -19.91 5.14 -14.61
CA GLY B 273 -20.97 5.91 -14.03
C GLY B 273 -21.92 6.32 -15.13
N THR B 274 -22.94 7.08 -14.75
CA THR B 274 -23.92 7.59 -15.72
C THR B 274 -23.58 8.98 -16.22
N GLY B 275 -22.74 9.72 -15.52
CA GLY B 275 -22.49 11.09 -15.87
C GLY B 275 -23.53 12.08 -15.40
N LYS B 276 -24.54 11.62 -14.68
CA LYS B 276 -25.58 12.48 -14.14
C LYS B 276 -25.41 12.54 -12.62
N GLY B 277 -25.45 13.76 -12.05
CA GLY B 277 -25.46 13.93 -10.61
C GLY B 277 -26.88 14.09 -10.12
N THR B 278 -27.23 13.32 -9.09
CA THR B 278 -28.55 13.35 -8.49
C THR B 278 -28.40 13.63 -7.00
N SER B 279 -29.24 14.51 -6.45
CA SER B 279 -29.15 14.88 -5.05
C SER B 279 -29.85 13.86 -4.16
N VAL B 280 -29.62 14.01 -2.84
CA VAL B 280 -30.29 13.13 -1.87
C VAL B 280 -31.79 13.27 -1.99
N LEU B 281 -32.29 14.51 -2.05
CA LEU B 281 -33.73 14.68 -2.09
C LEU B 281 -34.31 14.20 -3.40
N GLU B 282 -33.58 14.33 -4.51
CA GLU B 282 -34.07 13.78 -5.77
C GLU B 282 -34.19 12.25 -5.70
N MET B 283 -33.25 11.58 -5.05
CA MET B 283 -33.35 10.13 -4.93
C MET B 283 -34.52 9.76 -4.02
N VAL B 284 -34.73 10.53 -2.95
CA VAL B 284 -35.89 10.29 -2.07
C VAL B 284 -37.18 10.40 -2.88
N ALA B 285 -37.30 11.46 -3.67
CA ALA B 285 -38.49 11.64 -4.48
C ALA B 285 -38.67 10.49 -5.47
N ALA B 286 -37.59 10.03 -6.09
CA ALA B 286 -37.73 8.92 -7.03
C ALA B 286 -38.14 7.65 -6.32
N PHE B 287 -37.66 7.44 -5.09
CA PHE B 287 -38.04 6.25 -4.35
C PHE B 287 -39.47 6.31 -3.86
N GLU B 288 -39.93 7.51 -3.47
CA GLU B 288 -41.33 7.67 -3.08
C GLU B 288 -42.24 7.30 -4.24
N LYS B 289 -41.89 7.71 -5.46
CA LYS B 289 -42.70 7.39 -6.62
C LYS B 289 -42.66 5.90 -6.92
N ALA B 290 -41.48 5.28 -6.78
CA ALA B 290 -41.35 3.85 -7.07
C ALA B 290 -42.13 2.99 -6.07
N SER B 291 -42.11 3.40 -4.80
CA SER B 291 -42.61 2.56 -3.71
C SER B 291 -44.03 2.91 -3.29
N GLY B 292 -44.52 4.11 -3.61
CA GLY B 292 -45.78 4.58 -3.05
C GLY B 292 -45.73 4.89 -1.58
N LYS B 293 -44.55 4.96 -0.98
CA LYS B 293 -44.39 5.24 0.44
C LYS B 293 -43.80 6.63 0.64
N LYS B 294 -44.04 7.23 1.77
CA LYS B 294 -43.37 8.46 2.21
C LYS B 294 -42.13 8.11 3.01
N ILE B 295 -41.19 9.01 2.77
CA ILE B 295 -39.92 8.89 3.51
C ILE B 295 -39.80 10.09 4.44
N PRO B 296 -40.16 9.97 5.72
CA PRO B 296 -39.94 11.11 6.65
C PRO B 296 -38.46 11.42 6.73
N LEU B 297 -38.16 12.72 6.83
CA LEU B 297 -36.79 13.24 6.80
C LEU B 297 -36.46 13.94 8.11
N VAL B 298 -35.19 13.86 8.50
CA VAL B 298 -34.63 14.72 9.53
C VAL B 298 -33.42 15.39 8.90
N PHE B 299 -33.43 16.73 8.85
CA PHE B 299 -32.33 17.46 8.23
C PHE B 299 -31.22 17.63 9.26
N ALA B 300 -30.00 17.26 8.88
CA ALA B 300 -28.88 17.30 9.78
C ALA B 300 -27.70 17.98 9.13
N GLY B 301 -26.66 18.18 9.96
CA GLY B 301 -25.40 18.73 9.47
C GLY B 301 -24.69 17.76 8.54
N ARG B 302 -23.67 18.30 7.87
CA ARG B 302 -22.82 17.51 6.99
C ARG B 302 -22.20 16.36 7.76
N ARG B 303 -22.05 15.22 7.07
CA ARG B 303 -21.41 14.06 7.66
C ARG B 303 -19.91 14.16 7.44
N PRO B 304 -19.09 14.03 8.49
CA PRO B 304 -17.63 14.14 8.32
C PRO B 304 -17.14 13.15 7.28
N GLY B 305 -16.28 13.64 6.39
CA GLY B 305 -15.69 12.82 5.36
C GLY B 305 -16.46 12.77 4.05
N ASP B 306 -17.64 13.39 3.98
CA ASP B 306 -18.47 13.31 2.78
C ASP B 306 -17.98 14.30 1.74
N ALA B 307 -17.88 13.82 0.49
CA ALA B 307 -17.75 14.73 -0.62
C ALA B 307 -19.06 15.48 -0.81
N GLU B 308 -18.97 16.70 -1.35
CA GLU B 308 -20.16 17.48 -1.69
C GLU B 308 -20.82 16.94 -2.95
N ILE B 309 -20.06 16.81 -4.04
CA ILE B 309 -20.57 16.47 -5.35
C ILE B 309 -19.54 15.63 -6.08
N VAL B 310 -19.97 14.47 -6.57
CA VAL B 310 -19.13 13.55 -7.33
C VAL B 310 -19.98 12.95 -8.43
N TYR B 311 -19.54 13.07 -9.69
CA TYR B 311 -20.16 12.28 -10.75
C TYR B 311 -19.15 12.09 -11.88
N ALA B 312 -19.42 11.12 -12.74
CA ALA B 312 -18.41 10.66 -13.70
C ALA B 312 -18.40 11.49 -14.97
N ALA B 313 -17.19 11.69 -15.50
CA ALA B 313 -17.01 12.04 -16.90
C ALA B 313 -17.02 10.71 -17.67
N THR B 314 -18.04 10.52 -18.51
CA THR B 314 -18.24 9.25 -19.21
C THR B 314 -17.53 9.16 -20.56
N ALA B 315 -16.85 10.21 -21.00
CA ALA B 315 -16.34 10.21 -22.38
C ALA B 315 -15.37 9.05 -22.65
N LYS B 316 -14.44 8.81 -21.71
CA LYS B 316 -13.41 7.79 -21.98
C LYS B 316 -14.04 6.41 -22.08
N ALA B 317 -14.97 6.08 -21.17
CA ALA B 317 -15.63 4.79 -21.27
C ALA B 317 -16.47 4.69 -22.52
N GLU B 318 -17.13 5.78 -22.91
CA GLU B 318 -17.95 5.72 -24.11
C GLU B 318 -17.10 5.48 -25.36
N LYS B 319 -15.93 6.10 -25.44
CA LYS B 319 -15.14 5.99 -26.67
C LYS B 319 -14.24 4.77 -26.68
N GLU B 320 -13.57 4.50 -25.57
CA GLU B 320 -12.52 3.47 -25.53
C GLU B 320 -13.06 2.13 -25.06
N LEU B 321 -13.85 2.14 -24.00
CA LEU B 321 -14.49 0.91 -23.56
C LEU B 321 -15.71 0.55 -24.43
N LYS B 322 -16.23 1.53 -25.19
CA LYS B 322 -17.44 1.35 -26.00
C LYS B 322 -18.64 0.99 -25.11
N TRP B 323 -18.82 1.71 -24.01
CA TRP B 323 -19.83 1.36 -23.02
C TRP B 323 -20.51 2.63 -22.51
N LYS B 324 -21.84 2.58 -22.38
CA LYS B 324 -22.59 3.65 -21.75
C LYS B 324 -23.72 3.03 -20.95
N ALA B 325 -24.01 3.60 -19.78
CA ALA B 325 -25.12 3.11 -18.95
C ALA B 325 -26.45 3.32 -19.65
N LYS B 326 -27.38 2.40 -19.40
CA LYS B 326 -28.68 2.38 -20.09
C LYS B 326 -29.88 2.63 -19.19
N TYR B 327 -29.74 2.58 -17.86
CA TYR B 327 -30.90 2.64 -16.95
C TYR B 327 -30.85 3.90 -16.12
N GLY B 328 -32.00 4.50 -15.86
CA GLY B 328 -32.10 5.72 -15.10
C GLY B 328 -32.48 5.54 -13.63
N ILE B 329 -32.51 6.67 -12.93
CA ILE B 329 -32.71 6.73 -11.48
CA ILE B 329 -32.66 6.60 -11.47
C ILE B 329 -34.05 6.11 -11.09
N GLU B 330 -35.10 6.45 -11.82
CA GLU B 330 -36.42 5.95 -11.44
C GLU B 330 -36.46 4.44 -11.54
N GLU B 331 -35.85 3.91 -12.61
CA GLU B 331 -35.80 2.43 -12.81
C GLU B 331 -35.01 1.78 -11.69
N MET B 332 -33.87 2.36 -11.32
CA MET B 332 -33.05 1.82 -10.20
C MET B 332 -33.94 1.70 -8.97
N CYS B 333 -34.66 2.77 -8.65
CA CYS B 333 -35.53 2.79 -7.44
C CYS B 333 -36.64 1.74 -7.55
N ARG B 334 -37.22 1.56 -8.75
CA ARG B 334 -38.25 0.52 -8.90
C ARG B 334 -37.64 -0.85 -8.70
N ASP B 335 -36.42 -1.06 -9.20
CA ASP B 335 -35.85 -2.40 -9.13
C ASP B 335 -35.40 -2.73 -7.71
N LEU B 336 -34.89 -1.72 -6.97
CA LEU B 336 -34.60 -1.93 -5.55
C LEU B 336 -35.88 -2.26 -4.79
N TRP B 337 -36.94 -1.48 -5.04
CA TRP B 337 -38.21 -1.72 -4.34
C TRP B 337 -38.75 -3.12 -4.63
N ASN B 338 -38.67 -3.56 -5.88
CA ASN B 338 -39.17 -4.89 -6.25
C ASN B 338 -38.39 -5.99 -5.53
N TRP B 339 -37.06 -5.93 -5.57
CA TRP B 339 -36.25 -6.92 -4.87
C TRP B 339 -36.56 -6.94 -3.38
N ALA B 340 -36.58 -5.76 -2.75
CA ALA B 340 -36.68 -5.72 -1.31
C ALA B 340 -38.09 -6.08 -0.84
N SER B 341 -39.12 -5.82 -1.67
CA SER B 341 -40.49 -6.20 -1.32
C SER B 341 -40.67 -7.70 -1.40
N LYS B 342 -40.10 -8.31 -2.43
CA LYS B 342 -40.23 -9.75 -2.58
C LYS B 342 -39.35 -10.48 -1.58
N ASN B 343 -38.26 -9.84 -1.15
CA ASN B 343 -37.26 -10.48 -0.31
C ASN B 343 -36.93 -9.59 0.88
N PRO B 344 -37.85 -9.33 1.86
CA PRO B 344 -37.54 -8.38 2.95
C PRO B 344 -36.32 -8.79 3.79
N TYR B 345 -36.00 -10.10 3.82
CA TYR B 345 -34.84 -10.59 4.61
C TYR B 345 -33.78 -11.12 3.65
N GLY B 346 -33.78 -10.64 2.41
CA GLY B 346 -32.79 -11.06 1.41
C GLY B 346 -32.98 -12.51 1.01
N TYR B 347 -31.97 -13.36 1.21
CA TYR B 347 -32.05 -14.74 0.80
C TYR B 347 -32.42 -15.64 1.98
PA NAD C . 19.24 -4.02 4.60
O1A NAD C . 20.69 -4.15 4.91
O2A NAD C . 18.73 -4.64 3.35
O5B NAD C . 18.38 -4.55 5.85
C5B NAD C . 17.12 -5.22 5.59
C4B NAD C . 17.14 -6.57 6.26
O4B NAD C . 15.79 -7.09 6.35
C3B NAD C . 17.96 -7.67 5.55
O3B NAD C . 18.89 -8.25 6.45
C2B NAD C . 16.90 -8.69 5.10
O2B NAD C . 17.37 -10.02 5.10
C1B NAD C . 15.80 -8.46 6.13
N9A NAD C . 14.48 -8.87 5.67
C8A NAD C . 13.88 -8.55 4.48
N7A NAD C . 12.68 -9.04 4.33
C5A NAD C . 12.46 -9.73 5.52
C6A NAD C . 11.36 -10.47 5.98
N6A NAD C . 10.23 -10.65 5.30
N1A NAD C . 11.46 -11.03 7.22
C2A NAD C . 12.59 -10.86 7.91
N3A NAD C . 13.69 -10.17 7.57
C4A NAD C . 13.56 -9.63 6.35
O3 NAD C . 18.84 -2.47 4.61
PN NAD C . 19.39 -1.28 5.53
O1N NAD C . 19.81 -1.88 6.83
O2N NAD C . 20.37 -0.45 4.77
O5D NAD C . 18.05 -0.43 5.76
C5D NAD C . 17.15 -0.85 6.82
C4D NAD C . 15.76 -0.34 6.52
O4D NAD C . 15.82 1.07 6.21
C3D NAD C . 15.06 -1.02 5.33
O3D NAD C . 13.70 -1.29 5.62
C2D NAD C . 15.19 0.03 4.23
O2D NAD C . 14.13 -0.10 3.30
C1D NAD C . 15.13 1.34 4.99
N1N NAD C . 15.87 2.42 4.28
C2N NAD C . 16.96 2.12 3.51
C3N NAD C . 17.89 3.12 3.27
C7N NAD C . 19.25 2.71 2.77
O7N NAD C . 19.51 2.79 1.57
N7N NAD C . 20.13 2.26 3.65
C4N NAD C . 17.54 4.44 3.48
C5N NAD C . 16.29 4.74 3.98
C6N NAD C . 15.48 3.71 4.38
N1 UPG D . 25.21 8.71 -7.61
C2 UPG D . 26.15 8.69 -8.59
N3 UPG D . 26.73 7.51 -8.94
C4 UPG D . 26.40 6.38 -8.33
C5 UPG D . 25.41 6.33 -7.35
C6 UPG D . 24.87 7.54 -6.99
O2 UPG D . 26.49 9.71 -9.17
O4 UPG D . 26.99 5.28 -8.77
C1C UPG D . 24.66 9.91 -7.19
C2C UPG D . 23.10 10.03 -7.21
O2C UPG D . 22.81 10.57 -8.57
C3C UPG D . 22.72 10.84 -6.27
C4C UPG D . 23.82 10.58 -5.09
O4C UPG D . 24.86 10.06 -5.73
O3C UPG D . 22.80 12.29 -6.52
C5C UPG D . 23.26 9.65 -4.00
O5C UPG D . 22.76 8.50 -4.65
PA UPG D . 22.38 7.21 -3.84
O1A UPG D . 23.51 6.87 -2.89
O2A UPG D . 22.03 6.14 -4.85
O3A UPG D . 21.19 7.65 -2.86
PB UPG D . 19.70 8.24 -3.20
O1B UPG D . 19.26 7.66 -4.51
O2B UPG D . 19.62 9.55 -2.60
O3B UPG D . 18.91 7.17 -2.19
C1' UPG D . 19.27 7.05 -0.83
C2' UPG D . 18.87 5.76 -0.22
C3' UPG D . 17.47 5.57 -0.50
C4' UPG D . 16.68 6.49 0.33
C5' UPG D . 17.04 7.97 -0.01
C6' UPG D . 16.57 8.83 1.04
O2' UPG D . 19.60 4.58 -0.72
O3' UPG D . 17.08 4.16 -0.29
O4' UPG D . 15.30 6.23 0.07
O5' UPG D . 18.56 8.13 -0.10
O6' UPG D . 16.35 8.04 2.19
C1 GOL E . 18.91 -0.57 29.37
O1 GOL E . 18.38 -1.38 30.40
C2 GOL E . 18.34 0.82 29.54
O2 GOL E . 17.92 1.07 30.84
C3 GOL E . 19.36 1.81 28.99
O3 GOL E . 18.71 3.05 28.89
C1 GOL F . 26.50 -3.05 29.82
O1 GOL F . 26.09 -2.82 28.50
C2 GOL F . 25.80 -1.98 30.66
O2 GOL F . 26.24 -2.02 31.98
C3 GOL F . 26.15 -0.64 29.96
O3 GOL F . 25.48 0.39 30.62
PA NAD G . -19.77 -7.35 -1.84
O1A NAD G . -21.20 -7.66 -2.11
O2A NAD G . -19.29 -7.35 -0.42
O5B NAD G . -18.86 -8.32 -2.73
C5B NAD G . -17.52 -8.66 -2.27
C4B NAD G . -17.44 -10.16 -2.11
O4B NAD G . -16.07 -10.55 -1.90
C3B NAD G . -18.24 -10.76 -0.95
O3B NAD G . -19.12 -11.76 -1.42
C2B NAD G . -17.17 -11.31 0.00
O2B NAD G . -17.60 -12.49 0.65
C1B NAD G . -16.03 -11.60 -0.97
N9A NAD G . -14.71 -11.61 -0.36
C8A NAD G . -14.20 -10.68 0.52
N7A NAD G . -12.97 -10.93 0.88
C5A NAD G . -12.64 -12.10 0.19
C6A NAD G . -11.47 -12.87 0.16
N6A NAD G . -10.37 -12.58 0.84
N1A NAD G . -11.47 -13.97 -0.64
C2A NAD G . -12.58 -14.26 -1.33
N3A NAD G . -13.74 -13.60 -1.37
C4A NAD G . -13.70 -12.52 -0.58
O3 NAD G . -19.43 -5.94 -2.51
PN NAD G . -19.93 -5.33 -3.90
O1N NAD G . -20.92 -4.24 -3.63
O2N NAD G . -20.32 -6.44 -4.81
O5D NAD G . -18.59 -4.67 -4.45
C5D NAD G . -17.66 -5.47 -5.21
C4D NAD G . -16.32 -4.80 -5.24
O4D NAD G . -16.48 -3.42 -5.63
C3D NAD G . -15.55 -4.78 -3.91
O3D NAD G . -14.15 -4.97 -4.14
C2D NAD G . -15.85 -3.40 -3.36
O2D NAD G . -14.82 -2.90 -2.53
C1D NAD G . -16.00 -2.55 -4.60
N1N NAD G . -17.03 -1.50 -4.36
N1 UPG H . -26.73 10.35 2.76
C2 UPG H . -27.68 10.89 3.57
N3 UPG H . -28.25 10.13 4.51
C4 UPG H . -27.86 8.87 4.71
C5 UPG H . -26.89 8.26 3.89
C6 UPG H . -26.35 9.09 2.91
O2 UPG H . -28.04 12.04 3.47
O4 UPG H . -28.47 8.15 5.71
C1C UPG H . -26.22 11.09 1.74
C2C UPG H . -24.65 11.24 1.67
O2C UPG H . -24.35 12.41 2.51
C3C UPG H . -24.33 11.35 0.40
C4C UPG H . -25.42 10.41 -0.36
O4C UPG H . -26.44 10.33 0.47
O3C UPG H . -24.50 12.69 -0.22
C5C UPG H . -24.84 9.05 -0.71
O5C UPG H . -24.29 8.53 0.48
PA UPG H . -23.66 7.05 0.55
O1A UPG H . -24.63 6.01 0.06
O2A UPG H . -23.09 6.87 1.93
O3A UPG H . -22.51 7.05 -0.61
PB UPG H . -21.12 7.89 -0.69
O1B UPG H . -21.04 9.07 0.25
O2B UPG H . -20.96 8.35 -2.11
O3B UPG H . -20.02 6.77 -0.31
C1' UPG H . -20.40 5.50 0.16
C2' UPG H . -19.13 4.87 0.62
C3' UPG H . -18.11 4.71 -0.47
C4' UPG H . -18.72 3.96 -1.62
C5' UPG H . -20.01 4.62 -2.15
C6' UPG H . -20.67 3.83 -3.16
O2' UPG H . -18.62 5.68 1.76
O3' UPG H . -16.91 3.95 -0.02
O4' UPG H . -17.79 3.89 -2.73
O5' UPG H . -20.95 4.76 -0.95
O6' UPG H . -21.12 2.54 -2.75
C1 GOL I . -35.79 22.52 4.10
O1 GOL I . -37.09 22.75 3.75
C2 GOL I . -35.22 21.68 2.96
O2 GOL I . -35.23 22.37 1.75
C3 GOL I . -33.77 21.40 3.40
O3 GOL I . -33.10 22.63 3.28
C1 GOL J . -27.76 -4.76 -19.93
O1 GOL J . -28.36 -3.80 -20.83
C2 GOL J . -28.34 -6.18 -20.16
O2 GOL J . -27.68 -7.14 -19.38
C3 GOL J . -29.84 -6.09 -19.75
O3 GOL J . -30.38 -7.44 -19.66
#